data_2LXH
#
_entry.id   2LXH
#
loop_
_entity.id
_entity.type
_entity.pdbx_description
1 polymer 'E3 ubiquitin-protein ligase AMFR'
2 non-polymer 'ZINC ION'
#
_entity_poly.entity_id   1
_entity_poly.type   'polypeptide(L)'
_entity_poly.pdbx_seq_one_letter_code
;KNYLRVVGNMEARFAVATPEELAVNNDDCAICWDSMQAARKLPCGHLFHNSCLRSWLEQDTSCPTCRMSLNIADNNRVRE
E
;
_entity_poly.pdbx_strand_id   C
#
# COMPACT_ATOMS: atom_id res chain seq x y z
N ALA A 15 7.44 -4.17 6.07
CA ALA A 15 8.32 -4.35 4.90
C ALA A 15 8.26 -3.11 4.02
N VAL A 16 8.53 -1.95 4.61
CA VAL A 16 8.50 -0.69 3.87
C VAL A 16 9.92 -0.20 3.59
N ALA A 17 10.22 0.02 2.32
CA ALA A 17 11.55 0.48 1.92
C ALA A 17 11.55 1.99 1.74
N THR A 18 10.36 2.58 1.61
CA THR A 18 10.25 4.02 1.43
C THR A 18 10.30 4.75 2.78
N PRO A 19 10.87 5.92 2.82
CA PRO A 19 10.97 6.73 4.08
C PRO A 19 9.62 7.35 4.47
N GLU A 20 9.49 7.70 5.74
CA GLU A 20 8.28 8.32 6.23
C GLU A 20 8.01 9.61 5.45
N GLU A 21 9.05 10.14 4.83
CA GLU A 21 8.93 11.36 4.05
C GLU A 21 7.85 11.21 2.98
N LEU A 22 7.85 10.07 2.32
CA LEU A 22 6.86 9.81 1.28
C LEU A 22 5.46 9.81 1.86
N ALA A 23 5.29 9.18 3.01
CA ALA A 23 3.99 9.11 3.65
C ALA A 23 3.47 10.50 3.97
N VAL A 24 4.33 11.34 4.53
CA VAL A 24 3.95 12.69 4.87
C VAL A 24 3.51 13.46 3.63
N ASN A 25 4.29 13.33 2.56
CA ASN A 25 3.98 14.01 1.32
C ASN A 25 2.66 13.50 0.75
N ASN A 26 2.40 12.20 0.94
CA ASN A 26 1.18 11.58 0.45
C ASN A 26 0.41 10.94 1.61
N ASP A 27 -0.11 11.78 2.51
CA ASP A 27 -0.86 11.29 3.65
C ASP A 27 -2.30 11.00 3.25
N ASP A 28 -2.55 9.76 2.81
CA ASP A 28 -3.88 9.35 2.39
C ASP A 28 -3.88 7.90 1.93
N CYS A 29 -4.76 7.10 2.51
CA CYS A 29 -4.85 5.68 2.15
C CYS A 29 -6.00 5.46 1.17
N ALA A 30 -5.84 4.48 0.30
CA ALA A 30 -6.86 4.16 -0.69
C ALA A 30 -7.72 2.98 -0.21
N ILE A 31 -7.13 2.15 0.65
CA ILE A 31 -7.84 0.98 1.19
C ILE A 31 -8.53 1.31 2.51
N CYS A 32 -7.73 1.52 3.56
CA CYS A 32 -8.28 1.81 4.88
C CYS A 32 -8.60 3.29 5.02
N TRP A 33 -8.38 4.05 3.95
CA TRP A 33 -8.64 5.49 3.98
C TRP A 33 -7.81 6.15 5.08
N ASP A 34 -7.97 7.46 5.22
CA ASP A 34 -7.25 8.21 6.23
C ASP A 34 -5.74 8.18 5.94
N SER A 35 -4.94 8.44 6.96
CA SER A 35 -3.49 8.43 6.80
C SER A 35 -2.81 8.03 8.11
N MET A 36 -1.59 7.51 8.01
CA MET A 36 -0.84 7.09 9.19
C MET A 36 0.65 7.40 9.02
N GLN A 37 1.45 6.35 8.90
CA GLN A 37 2.90 6.52 8.73
C GLN A 37 3.44 5.53 7.71
N ALA A 38 3.35 4.24 8.03
CA ALA A 38 3.84 3.21 7.12
C ALA A 38 3.25 3.40 5.72
N ALA A 39 4.11 3.28 4.70
CA ALA A 39 3.67 3.44 3.32
C ALA A 39 4.57 2.66 2.39
N ARG A 40 3.99 1.66 1.74
CA ARG A 40 4.73 0.81 0.79
C ARG A 40 4.17 0.99 -0.60
N LYS A 41 5.00 0.75 -1.62
CA LYS A 41 4.57 0.91 -3.00
C LYS A 41 4.38 -0.44 -3.68
N LEU A 42 3.23 -0.60 -4.34
CA LEU A 42 2.94 -1.86 -5.03
C LEU A 42 3.55 -1.85 -6.43
N PRO A 43 3.76 -3.02 -7.00
CA PRO A 43 4.35 -3.15 -8.37
C PRO A 43 3.47 -2.51 -9.44
N CYS A 44 2.18 -2.34 -9.12
CA CYS A 44 1.24 -1.74 -10.06
C CYS A 44 1.44 -0.22 -10.12
N GLY A 45 1.60 0.39 -8.95
CA GLY A 45 1.79 1.84 -8.86
C GLY A 45 0.83 2.44 -7.83
N HIS A 46 0.90 1.94 -6.60
CA HIS A 46 0.04 2.44 -5.53
C HIS A 46 0.77 2.40 -4.20
N LEU A 47 0.52 3.40 -3.35
CA LEU A 47 1.18 3.47 -2.04
C LEU A 47 0.25 2.99 -0.95
N PHE A 48 0.57 1.83 -0.35
CA PHE A 48 -0.27 1.22 0.70
C PHE A 48 0.55 1.03 1.97
N HIS A 49 -0.14 1.21 3.08
CA HIS A 49 0.50 1.08 4.38
C HIS A 49 0.88 -0.37 4.63
N ASN A 50 1.77 -0.57 5.59
CA ASN A 50 2.22 -1.92 5.91
C ASN A 50 1.06 -2.79 6.37
N SER A 51 0.25 -2.26 7.28
CA SER A 51 -0.89 -3.01 7.80
C SER A 51 -1.98 -3.13 6.74
N CYS A 52 -2.20 -2.05 5.99
CA CYS A 52 -3.23 -2.06 4.95
C CYS A 52 -2.87 -3.06 3.86
N LEU A 53 -1.62 -3.01 3.41
CA LEU A 53 -1.18 -3.91 2.37
C LEU A 53 -1.17 -5.35 2.88
N ARG A 54 -0.36 -5.60 3.90
CA ARG A 54 -0.25 -6.94 4.47
C ARG A 54 -1.63 -7.58 4.59
N SER A 55 -2.55 -6.85 5.18
CA SER A 55 -3.90 -7.34 5.35
C SER A 55 -4.48 -7.70 3.99
N TRP A 56 -4.18 -6.89 2.98
CA TRP A 56 -4.68 -7.12 1.64
C TRP A 56 -4.07 -8.40 1.05
N LEU A 57 -2.76 -8.56 1.24
CA LEU A 57 -2.05 -9.72 0.72
C LEU A 57 -2.58 -10.99 1.38
N GLU A 58 -2.97 -10.88 2.64
CA GLU A 58 -3.52 -12.02 3.37
C GLU A 58 -4.92 -12.36 2.88
N GLN A 59 -5.66 -11.33 2.46
CA GLN A 59 -7.02 -11.53 1.97
C GLN A 59 -7.02 -11.87 0.49
N ASP A 60 -6.45 -10.99 -0.32
CA ASP A 60 -6.40 -11.19 -1.76
C ASP A 60 -5.16 -10.53 -2.35
N THR A 61 -4.55 -11.20 -3.32
CA THR A 61 -3.34 -10.67 -3.98
C THR A 61 -3.73 -10.01 -5.29
N SER A 62 -4.64 -9.04 -5.22
CA SER A 62 -5.08 -8.31 -6.42
C SER A 62 -5.03 -6.83 -6.18
N CYS A 63 -4.89 -6.06 -7.26
CA CYS A 63 -4.81 -4.62 -7.15
C CYS A 63 -6.19 -4.01 -6.85
N PRO A 64 -6.38 -3.37 -5.72
CA PRO A 64 -7.70 -2.75 -5.36
C PRO A 64 -8.24 -1.82 -6.45
N THR A 65 -7.32 -1.20 -7.20
CA THR A 65 -7.70 -0.27 -8.26
C THR A 65 -7.52 -0.90 -9.63
N CYS A 66 -6.27 -1.24 -9.95
CA CYS A 66 -5.98 -1.82 -11.26
C CYS A 66 -6.68 -3.17 -11.42
N ARG A 67 -7.05 -3.79 -10.30
CA ARG A 67 -7.71 -5.09 -10.34
C ARG A 67 -6.84 -6.13 -11.02
N MET A 68 -5.55 -5.85 -11.09
CA MET A 68 -4.60 -6.78 -11.72
C MET A 68 -3.77 -7.49 -10.66
N SER A 69 -3.61 -8.80 -10.84
CA SER A 69 -2.84 -9.60 -9.91
C SER A 69 -1.36 -9.22 -9.98
N LEU A 70 -0.75 -9.10 -8.80
CA LEU A 70 0.67 -8.74 -8.72
C LEU A 70 1.53 -9.98 -8.93
N ASN A 71 2.44 -9.92 -9.90
CA ASN A 71 3.32 -11.04 -10.18
C ASN A 71 4.60 -10.94 -9.36
N ILE A 72 4.59 -10.04 -8.39
CA ILE A 72 5.76 -9.85 -7.53
C ILE A 72 5.38 -9.08 -6.27
N ALA A 15 8.75 -3.87 6.14
CA ALA A 15 8.56 -4.21 4.70
C ALA A 15 8.52 -2.94 3.87
N VAL A 16 8.86 -1.81 4.51
CA VAL A 16 8.86 -0.52 3.81
C VAL A 16 10.29 -0.10 3.49
N ALA A 17 10.61 -0.10 2.20
CA ALA A 17 11.95 0.28 1.75
C ALA A 17 12.01 1.78 1.50
N THR A 18 10.85 2.41 1.39
CA THR A 18 10.80 3.85 1.14
C THR A 18 10.96 4.64 2.44
N PRO A 19 11.56 5.81 2.40
CA PRO A 19 11.76 6.67 3.61
C PRO A 19 10.45 7.32 4.06
N GLU A 20 10.41 7.69 5.33
CA GLU A 20 9.23 8.35 5.89
C GLU A 20 8.93 9.61 5.09
N GLU A 21 9.95 10.14 4.41
CA GLU A 21 9.78 11.34 3.61
C GLU A 21 8.60 11.20 2.67
N LEU A 22 8.59 10.12 1.91
CA LEU A 22 7.50 9.87 0.97
C LEU A 22 6.18 9.69 1.72
N ALA A 23 6.22 8.92 2.79
CA ALA A 23 5.02 8.65 3.56
C ALA A 23 4.42 9.96 4.08
N VAL A 24 5.26 10.79 4.68
CA VAL A 24 4.81 12.06 5.21
C VAL A 24 4.19 12.92 4.11
N ASN A 25 4.88 12.98 2.97
CA ASN A 25 4.39 13.77 1.85
C ASN A 25 3.09 13.18 1.32
N ASN A 26 2.99 11.84 1.35
CA ASN A 26 1.80 11.15 0.86
C ASN A 26 1.21 10.27 1.95
N ASP A 27 0.82 10.90 3.06
CA ASP A 27 0.22 10.17 4.18
C ASP A 27 -1.27 10.03 3.98
N ASP A 28 -1.68 8.99 3.25
CA ASP A 28 -3.09 8.76 2.98
C ASP A 28 -3.29 7.41 2.32
N CYS A 29 -4.21 6.60 2.86
CA CYS A 29 -4.50 5.28 2.29
C CYS A 29 -5.81 5.30 1.52
N ALA A 30 -5.76 4.85 0.28
CA ALA A 30 -6.97 4.80 -0.54
C ALA A 30 -7.85 3.64 -0.13
N ILE A 31 -7.30 2.75 0.70
CA ILE A 31 -8.05 1.57 1.16
C ILE A 31 -8.78 1.87 2.47
N CYS A 32 -8.02 2.08 3.55
CA CYS A 32 -8.60 2.35 4.86
C CYS A 32 -8.90 3.84 5.01
N TRP A 33 -8.83 4.58 3.91
CA TRP A 33 -9.10 6.01 3.94
C TRP A 33 -8.49 6.66 5.18
N ASP A 34 -7.48 5.98 5.75
CA ASP A 34 -6.81 6.50 6.95
C ASP A 34 -5.47 7.12 6.58
N SER A 35 -4.67 7.43 7.60
CA SER A 35 -3.36 8.03 7.37
C SER A 35 -2.40 7.66 8.51
N MET A 36 -1.28 7.03 8.16
CA MET A 36 -0.30 6.63 9.16
C MET A 36 1.11 6.73 8.58
N GLN A 37 2.10 6.34 9.38
CA GLN A 37 3.49 6.40 8.94
C GLN A 37 3.79 5.30 7.91
N ALA A 38 3.49 4.07 8.28
CA ALA A 38 3.74 2.93 7.40
C ALA A 38 3.28 3.26 5.98
N ALA A 39 4.19 3.14 5.02
CA ALA A 39 3.87 3.43 3.63
C ALA A 39 4.66 2.52 2.69
N ARG A 40 3.96 1.68 1.96
CA ARG A 40 4.60 0.76 1.03
C ARG A 40 4.02 0.96 -0.37
N LYS A 41 4.83 0.65 -1.39
CA LYS A 41 4.40 0.83 -2.78
C LYS A 41 4.23 -0.51 -3.47
N LEU A 42 3.09 -0.68 -4.13
CA LEU A 42 2.81 -1.93 -4.83
C LEU A 42 3.59 -1.98 -6.14
N PRO A 43 3.86 -3.16 -6.64
CA PRO A 43 4.60 -3.35 -7.92
C PRO A 43 3.83 -2.80 -9.11
N CYS A 44 2.55 -2.46 -8.88
CA CYS A 44 1.70 -1.93 -9.94
C CYS A 44 1.85 -0.41 -10.03
N GLY A 45 1.80 0.25 -8.87
CA GLY A 45 1.93 1.71 -8.82
C GLY A 45 0.92 2.31 -7.84
N HIS A 46 0.90 1.78 -6.61
CA HIS A 46 -0.01 2.27 -5.57
C HIS A 46 0.70 2.31 -4.23
N LEU A 47 0.38 3.32 -3.41
CA LEU A 47 1.01 3.47 -2.09
C LEU A 47 0.07 3.02 -0.99
N PHE A 48 0.43 1.91 -0.32
CA PHE A 48 -0.37 1.33 0.76
C PHE A 48 0.47 1.12 2.00
N HIS A 49 -0.19 1.25 3.13
CA HIS A 49 0.48 1.10 4.40
C HIS A 49 0.91 -0.34 4.61
N ASN A 50 1.84 -0.56 5.52
CA ASN A 50 2.33 -1.90 5.79
C ASN A 50 1.20 -2.81 6.25
N SER A 51 0.35 -2.29 7.13
CA SER A 51 -0.78 -3.06 7.63
C SER A 51 -1.86 -3.19 6.57
N CYS A 52 -2.09 -2.11 5.83
CA CYS A 52 -3.11 -2.11 4.78
C CYS A 52 -2.70 -3.00 3.62
N LEU A 53 -1.48 -2.81 3.14
CA LEU A 53 -0.99 -3.61 2.02
C LEU A 53 -0.88 -5.08 2.40
N ARG A 54 -0.23 -5.33 3.54
CA ARG A 54 -0.05 -6.70 4.00
C ARG A 54 -1.40 -7.36 4.23
N SER A 55 -2.29 -6.64 4.90
CA SER A 55 -3.60 -7.17 5.20
C SER A 55 -4.29 -7.59 3.91
N TRP A 56 -4.17 -6.76 2.88
CA TRP A 56 -4.78 -7.06 1.60
C TRP A 56 -4.19 -8.36 1.02
N LEU A 57 -2.87 -8.50 1.13
CA LEU A 57 -2.20 -9.68 0.60
C LEU A 57 -2.68 -10.93 1.33
N GLU A 58 -2.93 -10.79 2.62
CA GLU A 58 -3.40 -11.91 3.42
C GLU A 58 -4.81 -12.32 2.99
N GLN A 59 -5.65 -11.33 2.66
CA GLN A 59 -7.01 -11.61 2.24
C GLN A 59 -7.05 -12.02 0.78
N ASP A 60 -6.48 -11.19 -0.09
CA ASP A 60 -6.46 -11.46 -1.52
C ASP A 60 -5.24 -10.81 -2.18
N THR A 61 -4.69 -11.49 -3.18
CA THR A 61 -3.53 -10.98 -3.90
C THR A 61 -3.97 -10.36 -5.21
N SER A 62 -4.55 -9.16 -5.13
CA SER A 62 -5.01 -8.46 -6.33
C SER A 62 -4.95 -6.96 -6.11
N CYS A 63 -4.89 -6.22 -7.22
CA CYS A 63 -4.82 -4.77 -7.15
C CYS A 63 -6.21 -4.16 -6.90
N PRO A 64 -6.45 -3.52 -5.77
CA PRO A 64 -7.79 -2.89 -5.47
C PRO A 64 -8.23 -1.92 -6.56
N THR A 65 -7.27 -1.34 -7.27
CA THR A 65 -7.57 -0.38 -8.34
C THR A 65 -7.33 -0.99 -9.71
N CYS A 66 -6.08 -1.37 -9.98
CA CYS A 66 -5.75 -1.95 -11.27
C CYS A 66 -6.49 -3.26 -11.47
N ARG A 67 -6.95 -3.87 -10.37
CA ARG A 67 -7.67 -5.14 -10.45
C ARG A 67 -6.74 -6.24 -10.97
N MET A 68 -5.50 -5.88 -11.25
CA MET A 68 -4.56 -6.84 -11.80
C MET A 68 -3.75 -7.50 -10.70
N SER A 69 -3.59 -8.81 -10.82
CA SER A 69 -2.83 -9.58 -9.85
C SER A 69 -1.34 -9.32 -10.04
N LEU A 70 -0.64 -9.07 -8.95
CA LEU A 70 0.80 -8.81 -9.00
C LEU A 70 1.57 -10.10 -8.81
N ASN A 71 2.39 -10.45 -9.79
CA ASN A 71 3.20 -11.67 -9.72
C ASN A 71 4.53 -11.47 -10.42
N ILE A 72 5.59 -12.00 -9.83
CA ILE A 72 6.92 -11.87 -10.40
C ILE A 72 7.06 -12.76 -11.63
N ALA A 15 8.48 -3.79 5.44
CA ALA A 15 9.05 -3.81 4.06
C ALA A 15 8.92 -2.42 3.44
N VAL A 16 9.21 -1.39 4.23
CA VAL A 16 9.12 -0.02 3.75
C VAL A 16 10.51 0.54 3.45
N ALA A 17 10.81 0.70 2.16
CA ALA A 17 12.11 1.21 1.74
C ALA A 17 12.02 2.70 1.42
N THR A 18 10.79 3.19 1.27
CA THR A 18 10.59 4.61 0.94
C THR A 18 10.68 5.47 2.21
N PRO A 19 11.20 6.68 2.10
CA PRO A 19 11.33 7.59 3.28
C PRO A 19 9.98 8.18 3.71
N GLU A 20 9.93 8.68 4.94
CA GLU A 20 8.70 9.28 5.45
C GLU A 20 8.31 10.49 4.60
N GLU A 21 9.27 10.99 3.84
CA GLU A 21 9.01 12.14 2.99
C GLU A 21 7.79 11.89 2.12
N LEU A 22 7.78 10.79 1.38
CA LEU A 22 6.65 10.45 0.52
C LEU A 22 5.41 10.13 1.34
N ALA A 23 5.60 9.34 2.40
CA ALA A 23 4.48 8.94 3.22
C ALA A 23 3.84 10.16 3.89
N VAL A 24 4.66 11.01 4.47
CA VAL A 24 4.17 12.20 5.15
C VAL A 24 3.44 13.10 4.16
N ASN A 25 4.03 13.27 2.98
CA ASN A 25 3.42 14.10 1.96
C ASN A 25 2.07 13.51 1.55
N ASN A 26 2.00 12.18 1.47
CA ASN A 26 0.75 11.50 1.09
C ASN A 26 0.17 10.74 2.28
N ASP A 27 -0.18 11.47 3.33
CA ASP A 27 -0.76 10.86 4.52
C ASP A 27 -2.23 10.56 4.31
N ASP A 28 -2.50 9.51 3.54
CA ASP A 28 -3.88 9.11 3.25
C ASP A 28 -3.91 7.70 2.67
N CYS A 29 -4.76 6.85 3.24
CA CYS A 29 -4.89 5.47 2.78
C CYS A 29 -6.12 5.31 1.89
N ALA A 30 -5.99 4.53 0.83
CA ALA A 30 -7.11 4.29 -0.08
C ALA A 30 -7.95 3.12 0.42
N ILE A 31 -7.32 2.22 1.18
CA ILE A 31 -8.00 1.05 1.72
C ILE A 31 -8.58 1.29 3.11
N CYS A 32 -7.70 1.50 4.09
CA CYS A 32 -8.14 1.73 5.47
C CYS A 32 -8.62 3.16 5.66
N TRP A 33 -8.64 3.93 4.58
CA TRP A 33 -9.08 5.33 4.65
C TRP A 33 -8.54 6.00 5.90
N ASP A 34 -7.43 5.49 6.43
CA ASP A 34 -6.80 6.04 7.63
C ASP A 34 -5.52 6.80 7.25
N SER A 35 -4.67 7.03 8.25
CA SER A 35 -3.41 7.74 8.04
C SER A 35 -2.35 7.27 9.03
N MET A 36 -1.24 6.74 8.53
CA MET A 36 -0.16 6.26 9.40
C MET A 36 1.19 6.46 8.72
N GLN A 37 2.25 6.32 9.50
CA GLN A 37 3.60 6.49 8.96
C GLN A 37 3.95 5.35 8.00
N ALA A 38 3.49 4.16 8.31
CA ALA A 38 3.78 3.00 7.47
C ALA A 38 3.32 3.26 6.04
N ALA A 39 4.26 3.11 5.10
CA ALA A 39 3.96 3.33 3.69
C ALA A 39 4.69 2.31 2.82
N ARG A 40 4.00 1.78 1.83
CA ARG A 40 4.59 0.80 0.93
C ARG A 40 4.02 0.97 -0.47
N LYS A 41 4.83 0.68 -1.49
CA LYS A 41 4.39 0.82 -2.87
C LYS A 41 4.21 -0.53 -3.53
N LEU A 42 3.02 -0.78 -4.06
CA LEU A 42 2.71 -2.05 -4.73
C LEU A 42 3.54 -2.16 -6.01
N PRO A 43 3.80 -3.36 -6.48
CA PRO A 43 4.59 -3.60 -7.74
C PRO A 43 3.89 -2.98 -8.96
N CYS A 44 2.59 -2.74 -8.84
CA CYS A 44 1.82 -2.15 -9.95
C CYS A 44 2.02 -0.63 -10.02
N GLY A 45 1.77 0.06 -8.90
CA GLY A 45 1.93 1.52 -8.85
C GLY A 45 0.91 2.16 -7.91
N HIS A 46 0.89 1.69 -6.66
CA HIS A 46 -0.03 2.22 -5.64
C HIS A 46 0.66 2.27 -4.29
N LEU A 47 0.36 3.30 -3.49
CA LEU A 47 0.99 3.46 -2.17
C LEU A 47 0.07 3.00 -1.05
N PHE A 48 0.43 1.90 -0.41
CA PHE A 48 -0.37 1.33 0.68
C PHE A 48 0.50 1.13 1.92
N HIS A 49 -0.13 1.22 3.08
CA HIS A 49 0.57 1.05 4.34
C HIS A 49 0.96 -0.41 4.54
N ASN A 50 1.92 -0.63 5.43
CA ASN A 50 2.38 -1.98 5.69
C ASN A 50 1.25 -2.84 6.24
N SER A 51 0.49 -2.29 7.17
CA SER A 51 -0.62 -3.02 7.76
C SER A 51 -1.77 -3.18 6.77
N CYS A 52 -2.04 -2.11 6.02
CA CYS A 52 -3.12 -2.15 5.03
C CYS A 52 -2.77 -3.08 3.88
N LEU A 53 -1.55 -2.94 3.38
CA LEU A 53 -1.11 -3.77 2.26
C LEU A 53 -1.08 -5.24 2.66
N ARG A 54 -0.49 -5.52 3.81
CA ARG A 54 -0.40 -6.89 4.29
C ARG A 54 -1.79 -7.49 4.42
N SER A 55 -2.70 -6.72 5.01
CA SER A 55 -4.06 -7.19 5.20
C SER A 55 -4.67 -7.57 3.86
N TRP A 56 -4.45 -6.71 2.85
CA TRP A 56 -4.99 -6.97 1.52
C TRP A 56 -4.36 -8.24 0.94
N LEU A 57 -3.05 -8.39 1.13
CA LEU A 57 -2.36 -9.56 0.62
C LEU A 57 -2.87 -10.84 1.28
N GLU A 58 -3.17 -10.75 2.57
CA GLU A 58 -3.67 -11.90 3.31
C GLU A 58 -5.08 -12.27 2.84
N GLN A 59 -5.92 -11.26 2.60
CA GLN A 59 -7.28 -11.51 2.14
C GLN A 59 -7.30 -11.96 0.68
N ASP A 60 -6.68 -11.16 -0.19
CA ASP A 60 -6.62 -11.47 -1.62
C ASP A 60 -5.18 -11.68 -2.06
N THR A 61 -4.68 -10.78 -2.90
CA THR A 61 -3.31 -10.84 -3.40
C THR A 61 -3.15 -9.97 -4.64
N SER A 62 -4.27 -9.52 -5.19
CA SER A 62 -4.26 -8.69 -6.39
C SER A 62 -4.33 -7.21 -6.03
N CYS A 63 -4.29 -6.35 -7.04
CA CYS A 63 -4.37 -4.91 -6.80
C CYS A 63 -5.82 -4.44 -6.68
N PRO A 64 -6.19 -3.75 -5.62
CA PRO A 64 -7.60 -3.25 -5.45
C PRO A 64 -7.91 -2.06 -6.36
N THR A 65 -6.87 -1.36 -6.80
CA THR A 65 -7.05 -0.18 -7.65
C THR A 65 -7.07 -0.56 -9.13
N CYS A 66 -5.89 -0.76 -9.71
CA CYS A 66 -5.81 -1.11 -11.11
C CYS A 66 -6.53 -2.44 -11.39
N ARG A 67 -6.95 -3.10 -10.31
CA ARG A 67 -7.62 -4.40 -10.44
C ARG A 67 -6.73 -5.39 -11.17
N MET A 68 -5.41 -5.19 -11.05
CA MET A 68 -4.44 -6.09 -11.70
C MET A 68 -3.76 -6.97 -10.67
N SER A 69 -3.43 -8.19 -11.09
CA SER A 69 -2.75 -9.13 -10.20
C SER A 69 -1.25 -8.86 -10.19
N LEU A 70 -0.60 -9.20 -9.08
CA LEU A 70 0.84 -8.98 -8.94
C LEU A 70 1.55 -10.30 -8.61
N ASN A 71 2.77 -10.45 -9.10
CA ASN A 71 3.55 -11.66 -8.85
C ASN A 71 4.35 -11.53 -7.56
N ILE A 72 4.83 -12.66 -7.04
CA ILE A 72 5.60 -12.67 -5.80
C ILE A 72 7.06 -12.30 -6.09
N ALA A 15 7.39 -4.36 5.57
CA ALA A 15 8.76 -4.03 5.07
C ALA A 15 8.68 -2.82 4.15
N VAL A 16 8.93 -1.64 4.71
CA VAL A 16 8.88 -0.41 3.92
C VAL A 16 10.28 0.08 3.62
N ALA A 17 10.65 0.07 2.34
CA ALA A 17 11.97 0.51 1.93
C ALA A 17 11.96 1.99 1.57
N THR A 18 10.75 2.54 1.40
CA THR A 18 10.62 3.95 1.04
C THR A 18 10.78 4.83 2.29
N PRO A 19 11.27 6.03 2.14
CA PRO A 19 11.46 6.98 3.28
C PRO A 19 10.12 7.44 3.86
N GLU A 20 10.13 7.81 5.13
CA GLU A 20 8.93 8.28 5.80
C GLU A 20 8.46 9.60 5.20
N GLU A 21 9.36 10.28 4.49
CA GLU A 21 9.04 11.54 3.86
C GLU A 21 7.87 11.38 2.89
N LEU A 22 7.88 10.27 2.17
CA LEU A 22 6.81 10.01 1.21
C LEU A 22 5.47 9.87 1.92
N ALA A 23 5.48 9.17 3.04
CA ALA A 23 4.25 8.98 3.80
C ALA A 23 3.69 10.31 4.26
N VAL A 24 4.55 11.16 4.82
CA VAL A 24 4.12 12.47 5.30
C VAL A 24 3.53 13.28 4.16
N ASN A 25 4.22 13.28 3.02
CA ASN A 25 3.74 14.03 1.86
C ASN A 25 2.43 13.45 1.36
N ASN A 26 2.28 12.13 1.45
CA ASN A 26 1.06 11.45 0.99
C ASN A 26 0.39 10.73 2.15
N ASP A 27 -0.04 11.50 3.15
CA ASP A 27 -0.71 10.92 4.31
C ASP A 27 -2.18 10.67 3.99
N ASP A 28 -2.45 9.56 3.32
CA ASP A 28 -3.82 9.21 2.95
C ASP A 28 -3.86 7.79 2.40
N CYS A 29 -4.80 6.99 2.91
CA CYS A 29 -4.95 5.61 2.45
C CYS A 29 -6.19 5.46 1.57
N ALA A 30 -6.07 4.64 0.54
CA ALA A 30 -7.20 4.40 -0.37
C ALA A 30 -7.98 3.16 0.06
N ILE A 31 -7.31 2.29 0.83
CA ILE A 31 -7.95 1.06 1.31
C ILE A 31 -8.60 1.27 2.67
N CYS A 32 -7.78 1.32 3.71
CA CYS A 32 -8.28 1.51 5.07
C CYS A 32 -8.92 2.87 5.23
N TRP A 33 -8.48 3.83 4.42
CA TRP A 33 -9.01 5.19 4.48
C TRP A 33 -8.53 5.91 5.73
N ASP A 34 -7.27 5.66 6.10
CA ASP A 34 -6.69 6.30 7.29
C ASP A 34 -5.40 7.01 6.92
N SER A 35 -4.58 7.33 7.92
CA SER A 35 -3.32 8.02 7.70
C SER A 35 -2.28 7.57 8.72
N MET A 36 -1.26 6.87 8.26
CA MET A 36 -0.20 6.38 9.16
C MET A 36 1.16 6.55 8.49
N GLN A 37 2.22 6.42 9.28
CA GLN A 37 3.57 6.57 8.76
C GLN A 37 3.89 5.45 7.78
N ALA A 38 3.43 4.24 8.08
CA ALA A 38 3.68 3.10 7.22
C ALA A 38 3.15 3.35 5.81
N ALA A 39 4.04 3.23 4.82
CA ALA A 39 3.67 3.46 3.43
C ALA A 39 4.53 2.60 2.51
N ARG A 40 3.92 1.56 1.96
CA ARG A 40 4.62 0.66 1.06
C ARG A 40 4.10 0.85 -0.36
N LYS A 41 4.94 0.56 -1.35
CA LYS A 41 4.57 0.73 -2.75
C LYS A 41 4.40 -0.61 -3.43
N LEU A 42 3.28 -0.78 -4.13
CA LEU A 42 3.00 -2.02 -4.84
C LEU A 42 3.71 -2.02 -6.19
N PRO A 43 3.99 -3.19 -6.72
CA PRO A 43 4.65 -3.33 -8.05
C PRO A 43 3.80 -2.72 -9.17
N CYS A 44 2.51 -2.56 -8.91
CA CYS A 44 1.60 -2.00 -9.90
C CYS A 44 1.81 -0.48 -10.01
N GLY A 45 1.78 0.21 -8.87
CA GLY A 45 1.96 1.66 -8.85
C GLY A 45 0.99 2.31 -7.87
N HIS A 46 1.02 1.86 -6.62
CA HIS A 46 0.15 2.40 -5.60
C HIS A 46 0.84 2.35 -4.24
N LEU A 47 0.59 3.35 -3.39
CA LEU A 47 1.21 3.42 -2.06
C LEU A 47 0.24 2.98 -0.96
N PHE A 48 0.53 1.83 -0.33
CA PHE A 48 -0.32 1.26 0.73
C PHE A 48 0.48 1.06 1.99
N HIS A 49 -0.19 1.28 3.10
CA HIS A 49 0.44 1.15 4.39
C HIS A 49 0.86 -0.29 4.62
N ASN A 50 1.79 -0.48 5.55
CA ASN A 50 2.28 -1.83 5.84
C ASN A 50 1.13 -2.72 6.30
N SER A 51 0.27 -2.20 7.17
CA SER A 51 -0.85 -2.97 7.67
C SER A 51 -1.93 -3.13 6.60
N CYS A 52 -2.15 -2.07 5.84
CA CYS A 52 -3.16 -2.10 4.78
C CYS A 52 -2.73 -2.99 3.62
N LEU A 53 -1.49 -2.83 3.18
CA LEU A 53 -0.98 -3.62 2.08
C LEU A 53 -0.89 -5.09 2.47
N ARG A 54 -0.23 -5.36 3.59
CA ARG A 54 -0.07 -6.72 4.05
C ARG A 54 -1.42 -7.38 4.25
N SER A 55 -2.32 -6.65 4.89
CA SER A 55 -3.66 -7.16 5.14
C SER A 55 -4.30 -7.60 3.83
N TRP A 56 -4.09 -6.80 2.78
CA TRP A 56 -4.63 -7.13 1.48
C TRP A 56 -4.04 -8.43 0.95
N LEU A 57 -2.74 -8.60 1.17
CA LEU A 57 -2.04 -9.80 0.71
C LEU A 57 -2.64 -11.04 1.37
N GLU A 58 -3.05 -10.89 2.62
CA GLU A 58 -3.65 -12.00 3.35
C GLU A 58 -5.04 -12.31 2.82
N GLN A 59 -5.78 -11.25 2.44
CA GLN A 59 -7.13 -11.43 1.92
C GLN A 59 -7.11 -11.84 0.46
N ASP A 60 -6.49 -11.01 -0.38
CA ASP A 60 -6.41 -11.29 -1.81
C ASP A 60 -5.20 -10.61 -2.43
N THR A 61 -4.60 -11.26 -3.41
CA THR A 61 -3.43 -10.71 -4.09
C THR A 61 -3.84 -10.05 -5.40
N SER A 62 -4.66 -9.00 -5.29
CA SER A 62 -5.13 -8.28 -6.48
C SER A 62 -5.08 -6.79 -6.24
N CYS A 63 -5.01 -6.02 -7.32
CA CYS A 63 -4.95 -4.57 -7.21
C CYS A 63 -6.34 -3.99 -6.88
N PRO A 64 -6.55 -3.41 -5.72
CA PRO A 64 -7.88 -2.86 -5.33
C PRO A 64 -8.48 -1.92 -6.39
N THR A 65 -7.61 -1.29 -7.16
CA THR A 65 -8.05 -0.34 -8.20
C THR A 65 -7.95 -0.96 -9.59
N CYS A 66 -6.74 -1.35 -9.97
CA CYS A 66 -6.51 -1.94 -11.29
C CYS A 66 -7.15 -3.31 -11.38
N ARG A 67 -7.36 -3.95 -10.23
CA ARG A 67 -7.94 -5.28 -10.19
C ARG A 67 -7.03 -6.27 -10.90
N MET A 68 -5.74 -5.94 -10.97
CA MET A 68 -4.77 -6.81 -11.63
C MET A 68 -3.91 -7.54 -10.60
N SER A 69 -3.70 -8.84 -10.82
CA SER A 69 -2.89 -9.65 -9.92
C SER A 69 -1.43 -9.20 -9.99
N LEU A 70 -0.77 -9.21 -8.83
CA LEU A 70 0.64 -8.82 -8.76
C LEU A 70 1.53 -10.03 -8.96
N ASN A 71 2.47 -9.92 -9.91
CA ASN A 71 3.40 -11.01 -10.18
C ASN A 71 4.68 -10.83 -9.37
N ILE A 72 4.83 -11.65 -8.33
CA ILE A 72 6.02 -11.57 -7.48
C ILE A 72 7.28 -11.79 -8.32
N ALA A 15 6.48 -4.48 6.20
CA ALA A 15 6.86 -4.39 4.76
C ALA A 15 6.98 -2.93 4.36
N VAL A 16 8.18 -2.38 4.51
CA VAL A 16 8.43 -0.98 4.15
C VAL A 16 9.87 -0.79 3.70
N ALA A 17 10.06 0.00 2.64
CA ALA A 17 11.40 0.26 2.12
C ALA A 17 11.57 1.74 1.81
N THR A 18 10.44 2.42 1.60
CA THR A 18 10.50 3.85 1.30
C THR A 18 10.69 4.67 2.57
N PRO A 19 11.29 5.83 2.46
CA PRO A 19 11.53 6.73 3.64
C PRO A 19 10.21 7.20 4.27
N GLU A 20 10.27 7.49 5.58
CA GLU A 20 9.09 7.96 6.28
C GLU A 20 8.62 9.30 5.70
N GLU A 21 9.51 10.00 5.01
CA GLU A 21 9.17 11.29 4.42
C GLU A 21 7.92 11.15 3.56
N LEU A 22 7.86 10.07 2.78
CA LEU A 22 6.71 9.83 1.92
C LEU A 22 5.45 9.63 2.76
N ALA A 23 5.56 8.86 3.83
CA ALA A 23 4.42 8.60 4.68
C ALA A 23 3.82 9.91 5.19
N VAL A 24 4.67 10.78 5.70
CA VAL A 24 4.21 12.06 6.21
C VAL A 24 3.54 12.86 5.11
N ASN A 25 4.15 12.87 3.93
CA ASN A 25 3.59 13.59 2.80
C ASN A 25 2.31 12.91 2.30
N ASN A 26 2.09 11.68 2.75
CA ASN A 26 0.90 10.93 2.35
C ASN A 26 0.48 9.97 3.46
N ASP A 27 0.19 10.53 4.63
CA ASP A 27 -0.22 9.72 5.77
C ASP A 27 -1.66 9.25 5.59
N ASP A 28 -1.95 8.69 4.41
CA ASP A 28 -3.30 8.20 4.12
C ASP A 28 -3.31 7.53 2.75
N CYS A 29 -3.81 6.29 2.71
CA CYS A 29 -3.90 5.55 1.46
C CYS A 29 -5.35 5.52 0.96
N ALA A 30 -5.53 5.31 -0.34
CA ALA A 30 -6.86 5.27 -0.95
C ALA A 30 -7.58 3.95 -0.62
N ILE A 31 -6.83 2.96 -0.18
CA ILE A 31 -7.41 1.65 0.13
C ILE A 31 -8.24 1.71 1.41
N CYS A 32 -7.59 1.97 2.53
CA CYS A 32 -8.26 2.03 3.83
C CYS A 32 -8.70 3.45 4.12
N TRP A 33 -8.46 4.37 3.18
CA TRP A 33 -8.85 5.76 3.37
C TRP A 33 -8.56 6.22 4.79
N ASP A 34 -7.65 5.53 5.47
CA ASP A 34 -7.29 5.86 6.84
C ASP A 34 -6.01 6.71 6.87
N SER A 35 -5.33 6.67 8.00
CA SER A 35 -4.08 7.42 8.14
C SER A 35 -3.19 6.79 9.21
N MET A 36 -1.89 6.92 9.03
CA MET A 36 -0.94 6.36 9.98
C MET A 36 0.49 6.79 9.62
N GLN A 37 1.40 5.82 9.51
CA GLN A 37 2.79 6.11 9.17
C GLN A 37 3.30 5.11 8.13
N ALA A 38 3.37 3.83 8.51
CA ALA A 38 3.85 2.80 7.59
C ALA A 38 3.40 3.08 6.16
N ALA A 39 4.31 2.91 5.21
CA ALA A 39 4.02 3.17 3.80
C ALA A 39 4.73 2.16 2.91
N ARG A 40 4.03 1.71 1.87
CA ARG A 40 4.61 0.75 0.95
C ARG A 40 4.04 0.97 -0.44
N LYS A 41 4.83 0.64 -1.46
CA LYS A 41 4.40 0.82 -2.85
C LYS A 41 4.18 -0.52 -3.52
N LEU A 42 3.05 -0.64 -4.22
CA LEU A 42 2.73 -1.88 -4.92
C LEU A 42 3.47 -1.95 -6.26
N PRO A 43 3.68 -3.13 -6.77
CA PRO A 43 4.38 -3.35 -8.07
C PRO A 43 3.56 -2.80 -9.24
N CYS A 44 2.30 -2.45 -8.96
CA CYS A 44 1.41 -1.91 -10.00
C CYS A 44 1.56 -0.40 -10.11
N GLY A 45 1.60 0.27 -8.95
CA GLY A 45 1.73 1.73 -8.91
C GLY A 45 0.76 2.34 -7.90
N HIS A 46 0.77 1.79 -6.68
CA HIS A 46 -0.12 2.29 -5.61
C HIS A 46 0.64 2.33 -4.29
N LEU A 47 0.34 3.35 -3.47
CA LEU A 47 1.01 3.49 -2.17
C LEU A 47 0.10 3.05 -1.03
N PHE A 48 0.46 1.93 -0.39
CA PHE A 48 -0.32 1.36 0.71
C PHE A 48 0.56 1.15 1.94
N HIS A 49 -0.08 1.21 3.08
CA HIS A 49 0.60 1.06 4.35
C HIS A 49 0.95 -0.39 4.59
N ASN A 50 1.87 -0.63 5.50
CA ASN A 50 2.30 -1.99 5.79
C ASN A 50 1.10 -2.82 6.24
N SER A 51 0.31 -2.28 7.15
CA SER A 51 -0.86 -2.99 7.65
C SER A 51 -1.93 -3.10 6.56
N CYS A 52 -2.10 -2.02 5.82
CA CYS A 52 -3.10 -2.00 4.76
C CYS A 52 -2.71 -2.94 3.62
N LEU A 53 -1.48 -2.81 3.15
CA LEU A 53 -1.01 -3.64 2.06
C LEU A 53 -0.90 -5.10 2.51
N ARG A 54 -0.22 -5.32 3.63
CA ARG A 54 -0.05 -6.67 4.14
C ARG A 54 -1.39 -7.33 4.38
N SER A 55 -2.29 -6.60 5.02
CA SER A 55 -3.62 -7.13 5.30
C SER A 55 -4.30 -7.56 4.00
N TRP A 56 -4.14 -6.73 2.97
CA TRP A 56 -4.74 -7.03 1.69
C TRP A 56 -4.17 -8.34 1.12
N LEU A 57 -2.86 -8.48 1.23
CA LEU A 57 -2.19 -9.69 0.72
C LEU A 57 -2.70 -10.92 1.46
N GLU A 58 -3.02 -10.75 2.73
CA GLU A 58 -3.52 -11.85 3.53
C GLU A 58 -4.92 -12.24 3.07
N GLN A 59 -5.74 -11.25 2.73
CA GLN A 59 -7.11 -11.51 2.29
C GLN A 59 -7.14 -11.89 0.81
N ASP A 60 -6.58 -11.01 -0.04
CA ASP A 60 -6.55 -11.25 -1.48
C ASP A 60 -5.30 -10.62 -2.10
N THR A 61 -4.70 -11.34 -3.05
CA THR A 61 -3.51 -10.84 -3.74
C THR A 61 -3.88 -10.25 -5.08
N SER A 62 -4.48 -9.07 -5.05
CA SER A 62 -4.87 -8.38 -6.28
C SER A 62 -4.89 -6.87 -6.07
N CYS A 63 -4.78 -6.14 -7.17
CA CYS A 63 -4.77 -4.68 -7.09
C CYS A 63 -6.20 -4.13 -6.87
N PRO A 64 -6.48 -3.50 -5.75
CA PRO A 64 -7.84 -2.94 -5.49
C PRO A 64 -8.33 -2.00 -6.60
N THR A 65 -7.39 -1.46 -7.36
CA THR A 65 -7.72 -0.54 -8.46
C THR A 65 -7.48 -1.19 -9.82
N CYS A 66 -6.21 -1.45 -10.12
CA CYS A 66 -5.87 -2.05 -11.39
C CYS A 66 -6.53 -3.41 -11.55
N ARG A 67 -6.97 -3.97 -10.43
CA ARG A 67 -7.64 -5.27 -10.45
C ARG A 67 -6.71 -6.34 -11.05
N MET A 68 -5.42 -6.01 -11.12
CA MET A 68 -4.44 -6.93 -11.67
C MET A 68 -3.58 -7.54 -10.56
N SER A 69 -3.27 -8.83 -10.71
CA SER A 69 -2.45 -9.51 -9.72
C SER A 69 -1.04 -8.93 -9.72
N LEU A 70 -0.35 -9.05 -8.59
CA LEU A 70 1.01 -8.54 -8.44
C LEU A 70 2.02 -9.60 -8.88
N ASN A 71 3.23 -9.16 -9.19
CA ASN A 71 4.28 -10.07 -9.61
C ASN A 71 3.80 -10.93 -10.78
N ILE A 72 4.13 -10.51 -12.00
CA ILE A 72 3.72 -11.25 -13.18
C ILE A 72 3.94 -12.74 -12.99
N ALA A 15 7.25 -4.47 4.64
CA ALA A 15 8.60 -3.91 4.41
C ALA A 15 8.49 -2.54 3.76
N VAL A 16 9.12 -1.54 4.37
CA VAL A 16 9.07 -0.17 3.84
C VAL A 16 10.47 0.30 3.49
N ALA A 17 10.63 0.84 2.28
CA ALA A 17 11.92 1.33 1.83
C ALA A 17 11.82 2.82 1.46
N THR A 18 10.60 3.30 1.32
CA THR A 18 10.39 4.69 0.97
C THR A 18 10.53 5.60 2.19
N PRO A 19 11.06 6.78 2.02
CA PRO A 19 11.25 7.76 3.13
C PRO A 19 9.93 8.36 3.60
N GLU A 20 9.91 8.83 4.84
CA GLU A 20 8.72 9.46 5.40
C GLU A 20 8.31 10.65 4.54
N GLU A 21 9.24 11.14 3.72
CA GLU A 21 8.95 12.27 2.86
C GLU A 21 7.72 12.01 2.00
N LEU A 22 7.70 10.86 1.33
CA LEU A 22 6.56 10.51 0.50
C LEU A 22 5.33 10.21 1.35
N ALA A 23 5.52 9.42 2.40
CA ALA A 23 4.41 9.06 3.27
C ALA A 23 3.82 10.29 3.93
N VAL A 24 4.68 11.13 4.49
CA VAL A 24 4.24 12.33 5.17
C VAL A 24 3.48 13.24 4.20
N ASN A 25 4.04 13.39 2.99
CA ASN A 25 3.39 14.23 1.98
C ASN A 25 2.02 13.66 1.62
N ASN A 26 1.94 12.33 1.55
CA ASN A 26 0.67 11.67 1.20
C ASN A 26 0.13 10.92 2.41
N ASP A 27 -0.12 11.64 3.49
CA ASP A 27 -0.64 11.02 4.71
C ASP A 27 -2.12 10.69 4.54
N ASP A 28 -2.40 9.57 3.87
CA ASP A 28 -3.78 9.15 3.65
C ASP A 28 -3.81 7.76 3.04
N CYS A 29 -4.75 6.94 3.51
CA CYS A 29 -4.88 5.56 3.01
C CYS A 29 -6.09 5.45 2.08
N ALA A 30 -5.95 4.66 1.03
CA ALA A 30 -7.04 4.46 0.09
C ALA A 30 -7.88 3.25 0.50
N ILE A 31 -7.27 2.33 1.23
CA ILE A 31 -7.97 1.13 1.66
C ILE A 31 -8.57 1.31 3.05
N CYS A 32 -7.73 1.28 4.07
CA CYS A 32 -8.19 1.44 5.44
C CYS A 32 -8.79 2.82 5.67
N TRP A 33 -8.39 3.77 4.83
CA TRP A 33 -8.90 5.13 4.95
C TRP A 33 -8.47 5.74 6.27
N ASP A 34 -7.17 5.91 6.46
CA ASP A 34 -6.64 6.49 7.70
C ASP A 34 -5.27 7.10 7.46
N SER A 35 -4.45 7.14 8.50
CA SER A 35 -3.11 7.70 8.39
C SER A 35 -2.20 7.10 9.44
N MET A 36 -0.89 7.13 9.18
CA MET A 36 0.09 6.58 10.11
C MET A 36 1.50 6.96 9.68
N GLN A 37 2.40 5.97 9.69
CA GLN A 37 3.79 6.21 9.30
C GLN A 37 4.26 5.12 8.33
N ALA A 38 3.59 3.97 8.36
CA ALA A 38 3.96 2.87 7.48
C ALA A 38 3.49 3.17 6.06
N ALA A 39 4.41 3.04 5.11
CA ALA A 39 4.10 3.29 3.70
C ALA A 39 4.72 2.24 2.81
N ARG A 40 3.92 1.61 1.95
CA ARG A 40 4.41 0.60 1.05
C ARG A 40 3.93 0.87 -0.37
N LYS A 41 4.79 0.59 -1.34
CA LYS A 41 4.45 0.81 -2.74
C LYS A 41 4.26 -0.51 -3.47
N LEU A 42 3.05 -0.74 -3.98
CA LEU A 42 2.77 -1.96 -4.71
C LEU A 42 3.60 -2.02 -5.99
N PRO A 43 3.82 -3.20 -6.51
CA PRO A 43 4.60 -3.40 -7.75
C PRO A 43 3.88 -2.80 -8.96
N CYS A 44 2.58 -2.58 -8.84
CA CYS A 44 1.79 -2.02 -9.92
C CYS A 44 1.99 -0.51 -10.00
N GLY A 45 1.91 0.15 -8.85
CA GLY A 45 2.08 1.60 -8.80
C GLY A 45 1.07 2.23 -7.85
N HIS A 46 1.08 1.79 -6.59
CA HIS A 46 0.16 2.32 -5.58
C HIS A 46 0.83 2.34 -4.22
N LEU A 47 0.50 3.36 -3.43
CA LEU A 47 1.09 3.50 -2.10
C LEU A 47 0.14 3.02 -1.03
N PHE A 48 0.47 1.88 -0.41
CA PHE A 48 -0.35 1.30 0.67
C PHE A 48 0.47 1.10 1.91
N HIS A 49 -0.20 1.25 3.05
CA HIS A 49 0.47 1.10 4.33
C HIS A 49 0.88 -0.36 4.53
N ASN A 50 1.89 -0.58 5.35
CA ASN A 50 2.37 -1.93 5.60
C ASN A 50 1.25 -2.81 6.17
N SER A 51 0.49 -2.26 7.10
CA SER A 51 -0.61 -3.00 7.70
C SER A 51 -1.77 -3.17 6.72
N CYS A 52 -2.04 -2.12 5.96
CA CYS A 52 -3.13 -2.15 5.00
C CYS A 52 -2.80 -3.07 3.83
N LEU A 53 -1.60 -2.91 3.28
CA LEU A 53 -1.18 -3.73 2.16
C LEU A 53 -1.08 -5.20 2.56
N ARG A 54 -0.37 -5.46 3.64
CA ARG A 54 -0.19 -6.83 4.11
C ARG A 54 -1.55 -7.49 4.34
N SER A 55 -2.43 -6.77 5.02
CA SER A 55 -3.76 -7.29 5.31
C SER A 55 -4.44 -7.69 4.00
N TRP A 56 -4.27 -6.86 2.98
CA TRP A 56 -4.87 -7.14 1.68
C TRP A 56 -4.27 -8.41 1.07
N LEU A 57 -2.96 -8.54 1.19
CA LEU A 57 -2.28 -9.71 0.65
C LEU A 57 -2.73 -10.98 1.36
N GLU A 58 -2.95 -10.87 2.67
CA GLU A 58 -3.39 -12.01 3.46
C GLU A 58 -4.78 -12.44 3.05
N GLN A 59 -5.67 -11.47 2.84
CA GLN A 59 -7.04 -11.76 2.46
C GLN A 59 -7.15 -11.93 0.95
N ASP A 60 -6.75 -10.90 0.20
CA ASP A 60 -6.82 -10.94 -1.25
C ASP A 60 -5.44 -11.15 -1.83
N THR A 61 -5.05 -10.27 -2.77
CA THR A 61 -3.74 -10.35 -3.42
C THR A 61 -3.74 -9.59 -4.73
N SER A 62 -4.90 -9.12 -5.14
CA SER A 62 -5.04 -8.39 -6.39
C SER A 62 -4.93 -6.89 -6.14
N CYS A 63 -4.88 -6.12 -7.22
CA CYS A 63 -4.77 -4.67 -7.12
C CYS A 63 -6.16 -4.05 -6.98
N PRO A 64 -6.46 -3.44 -5.87
CA PRO A 64 -7.78 -2.79 -5.63
C PRO A 64 -8.14 -1.78 -6.73
N THR A 65 -7.12 -1.22 -7.36
CA THR A 65 -7.33 -0.23 -8.42
C THR A 65 -7.10 -0.85 -9.79
N CYS A 66 -5.85 -1.22 -10.07
CA CYS A 66 -5.51 -1.80 -11.36
C CYS A 66 -6.31 -3.08 -11.60
N ARG A 67 -6.78 -3.69 -10.52
CA ARG A 67 -7.55 -4.92 -10.63
C ARG A 67 -6.72 -6.02 -11.27
N MET A 68 -5.40 -5.85 -11.23
CA MET A 68 -4.50 -6.85 -11.82
C MET A 68 -3.80 -7.65 -10.72
N SER A 69 -3.65 -8.95 -10.95
CA SER A 69 -2.99 -9.81 -9.98
C SER A 69 -1.47 -9.64 -10.05
N LEU A 70 -0.91 -8.90 -9.10
CA LEU A 70 0.53 -8.67 -9.07
C LEU A 70 1.28 -9.99 -8.89
N ASN A 71 2.57 -9.89 -8.59
CA ASN A 71 3.39 -11.08 -8.39
C ASN A 71 3.01 -11.79 -7.10
N ILE A 72 3.16 -13.11 -7.10
CA ILE A 72 2.83 -13.90 -5.91
C ILE A 72 3.81 -15.05 -5.75
N ALA A 15 7.72 -4.50 4.69
CA ALA A 15 8.94 -4.16 3.91
C ALA A 15 8.78 -2.77 3.29
N VAL A 16 9.05 -1.74 4.10
CA VAL A 16 8.93 -0.36 3.63
C VAL A 16 10.31 0.23 3.40
N ALA A 17 10.68 0.41 2.15
CA ALA A 17 11.98 0.98 1.80
C ALA A 17 11.88 2.49 1.64
N THR A 18 10.65 3.00 1.59
CA THR A 18 10.43 4.44 1.44
C THR A 18 10.45 5.14 2.81
N PRO A 19 10.98 6.35 2.87
CA PRO A 19 11.06 7.12 4.15
C PRO A 19 9.69 7.66 4.57
N GLU A 20 9.51 7.86 5.87
CA GLU A 20 8.27 8.40 6.38
C GLU A 20 7.94 9.72 5.69
N GLU A 21 8.96 10.31 5.08
CA GLU A 21 8.79 11.58 4.37
C GLU A 21 7.70 11.46 3.31
N LEU A 22 7.74 10.38 2.54
CA LEU A 22 6.76 10.17 1.50
C LEU A 22 5.37 10.02 2.10
N ALA A 23 5.28 9.28 3.20
CA ALA A 23 3.99 9.09 3.85
C ALA A 23 3.43 10.41 4.35
N VAL A 24 4.27 11.19 5.01
CA VAL A 24 3.85 12.48 5.54
C VAL A 24 3.40 13.40 4.40
N ASN A 25 4.20 13.46 3.35
CA ASN A 25 3.89 14.30 2.21
C ASN A 25 2.82 13.66 1.34
N ASN A 26 2.56 12.37 1.60
CA ASN A 26 1.55 11.64 0.83
C ASN A 26 0.88 10.59 1.70
N ASP A 27 0.28 11.03 2.81
CA ASP A 27 -0.40 10.13 3.71
C ASP A 27 -1.75 9.72 3.13
N ASP A 28 -2.77 9.71 3.98
CA ASP A 28 -4.12 9.34 3.54
C ASP A 28 -4.13 7.94 2.93
N CYS A 29 -5.00 7.08 3.46
CA CYS A 29 -5.12 5.71 2.97
C CYS A 29 -6.37 5.55 2.12
N ALA A 30 -6.25 4.77 1.04
CA ALA A 30 -7.40 4.53 0.15
C ALA A 30 -8.14 3.27 0.57
N ILE A 31 -7.44 2.37 1.28
CA ILE A 31 -8.04 1.12 1.72
C ILE A 31 -8.63 1.26 3.12
N CYS A 32 -7.76 1.29 4.13
CA CYS A 32 -8.21 1.41 5.51
C CYS A 32 -8.80 2.78 5.79
N TRP A 33 -8.31 3.78 5.06
CA TRP A 33 -8.80 5.14 5.23
C TRP A 33 -8.67 5.58 6.70
N ASP A 34 -7.44 5.77 7.15
CA ASP A 34 -7.18 6.18 8.53
C ASP A 34 -6.01 7.15 8.61
N SER A 35 -5.01 6.93 7.75
CA SER A 35 -3.83 7.80 7.73
C SER A 35 -2.88 7.43 8.88
N MET A 36 -1.60 7.27 8.57
CA MET A 36 -0.61 6.93 9.59
C MET A 36 0.79 7.34 9.12
N GLN A 37 1.72 6.39 9.11
CA GLN A 37 3.10 6.66 8.70
C GLN A 37 3.57 5.63 7.69
N ALA A 38 3.28 4.36 7.98
CA ALA A 38 3.68 3.27 7.08
C ALA A 38 3.12 3.49 5.69
N ALA A 39 3.97 3.33 4.68
CA ALA A 39 3.56 3.51 3.29
C ALA A 39 4.44 2.69 2.36
N ARG A 40 3.89 1.59 1.87
CA ARG A 40 4.61 0.70 0.97
C ARG A 40 4.06 0.87 -0.44
N LYS A 41 4.89 0.58 -1.44
CA LYS A 41 4.47 0.74 -2.83
C LYS A 41 4.26 -0.62 -3.50
N LEU A 42 3.06 -0.81 -4.06
CA LEU A 42 2.76 -2.07 -4.74
C LEU A 42 3.56 -2.18 -6.04
N PRO A 43 3.78 -3.37 -6.53
CA PRO A 43 4.55 -3.60 -7.80
C PRO A 43 3.83 -2.98 -9.00
N CYS A 44 2.54 -2.70 -8.84
CA CYS A 44 1.76 -2.10 -9.93
C CYS A 44 1.98 -0.58 -9.99
N GLY A 45 1.91 0.08 -8.84
CA GLY A 45 2.10 1.54 -8.76
C GLY A 45 1.07 2.17 -7.82
N HIS A 46 1.03 1.69 -6.58
CA HIS A 46 0.10 2.22 -5.57
C HIS A 46 0.78 2.25 -4.21
N LEU A 47 0.49 3.28 -3.42
CA LEU A 47 1.10 3.43 -2.09
C LEU A 47 0.15 2.99 -0.99
N PHE A 48 0.47 1.88 -0.34
CA PHE A 48 -0.37 1.33 0.74
C PHE A 48 0.46 1.10 1.99
N HIS A 49 -0.18 1.29 3.14
CA HIS A 49 0.49 1.13 4.42
C HIS A 49 0.94 -0.31 4.59
N ASN A 50 1.89 -0.53 5.48
CA ASN A 50 2.42 -1.87 5.71
C ASN A 50 1.30 -2.80 6.17
N SER A 51 0.48 -2.31 7.10
CA SER A 51 -0.62 -3.11 7.61
C SER A 51 -1.73 -3.25 6.57
N CYS A 52 -2.02 -2.16 5.88
CA CYS A 52 -3.09 -2.19 4.87
C CYS A 52 -2.70 -3.04 3.68
N LEU A 53 -1.48 -2.84 3.18
CA LEU A 53 -1.02 -3.61 2.03
C LEU A 53 -0.92 -5.09 2.37
N ARG A 54 -0.22 -5.39 3.45
CA ARG A 54 -0.04 -6.77 3.87
C ARG A 54 -1.39 -7.41 4.15
N SER A 55 -2.25 -6.68 4.85
CA SER A 55 -3.58 -7.20 5.16
C SER A 55 -4.30 -7.59 3.88
N TRP A 56 -4.11 -6.80 2.83
CA TRP A 56 -4.75 -7.09 1.56
C TRP A 56 -4.22 -8.39 0.99
N LEU A 57 -2.90 -8.59 1.11
CA LEU A 57 -2.27 -9.81 0.61
C LEU A 57 -2.78 -11.04 1.35
N GLU A 58 -3.01 -10.89 2.65
CA GLU A 58 -3.50 -11.98 3.47
C GLU A 58 -4.92 -12.36 3.08
N GLN A 59 -5.77 -11.35 2.87
CA GLN A 59 -7.17 -11.59 2.50
C GLN A 59 -7.30 -11.77 0.99
N ASP A 60 -6.91 -10.74 0.24
CA ASP A 60 -6.98 -10.77 -1.23
C ASP A 60 -5.61 -11.05 -1.82
N THR A 61 -5.20 -10.19 -2.74
CA THR A 61 -3.88 -10.32 -3.39
C THR A 61 -3.85 -9.51 -4.68
N SER A 62 -5.02 -9.18 -5.19
CA SER A 62 -5.11 -8.42 -6.44
C SER A 62 -4.96 -6.94 -6.18
N CYS A 63 -4.90 -6.14 -7.25
CA CYS A 63 -4.77 -4.70 -7.10
C CYS A 63 -6.15 -4.03 -6.94
N PRO A 64 -6.46 -3.44 -5.80
CA PRO A 64 -7.79 -2.77 -5.59
C PRO A 64 -8.14 -1.76 -6.68
N THR A 65 -7.11 -1.19 -7.32
CA THR A 65 -7.31 -0.19 -8.38
C THR A 65 -7.10 -0.80 -9.75
N CYS A 66 -5.86 -1.17 -10.04
CA CYS A 66 -5.54 -1.74 -11.34
C CYS A 66 -6.35 -3.02 -11.57
N ARG A 67 -6.76 -3.67 -10.50
CA ARG A 67 -7.54 -4.90 -10.61
C ARG A 67 -6.72 -6.00 -11.26
N MET A 68 -5.39 -5.83 -11.22
CA MET A 68 -4.48 -6.81 -11.81
C MET A 68 -3.81 -7.64 -10.73
N SER A 69 -3.74 -8.95 -10.97
CA SER A 69 -3.12 -9.86 -10.02
C SER A 69 -1.61 -9.67 -10.02
N LEU A 70 -1.08 -9.19 -8.90
CA LEU A 70 0.36 -8.96 -8.77
C LEU A 70 1.08 -10.29 -8.53
N ASN A 71 0.37 -11.39 -8.74
CA ASN A 71 0.95 -12.70 -8.54
C ASN A 71 1.64 -13.18 -9.81
N ILE A 72 2.97 -13.18 -9.80
CA ILE A 72 3.74 -13.61 -10.96
C ILE A 72 3.18 -12.99 -12.23
N ALA A 15 7.50 -4.48 4.58
CA ALA A 15 8.78 -4.07 3.95
C ALA A 15 8.64 -2.66 3.39
N VAL A 16 9.06 -1.67 4.18
CA VAL A 16 8.97 -0.28 3.75
C VAL A 16 10.35 0.25 3.35
N ALA A 17 10.57 0.40 2.05
CA ALA A 17 11.85 0.89 1.55
C ALA A 17 11.79 2.40 1.35
N THR A 18 10.58 2.94 1.34
CA THR A 18 10.39 4.37 1.14
C THR A 18 10.56 5.11 2.47
N PRO A 19 11.11 6.30 2.43
CA PRO A 19 11.32 7.13 3.65
C PRO A 19 10.01 7.70 4.20
N GLU A 20 10.01 8.01 5.50
CA GLU A 20 8.83 8.59 6.12
C GLU A 20 8.40 9.85 5.38
N GLU A 21 9.33 10.44 4.62
CA GLU A 21 9.03 11.65 3.86
C GLU A 21 7.85 11.41 2.93
N LEU A 22 7.83 10.25 2.29
CA LEU A 22 6.74 9.92 1.38
C LEU A 22 5.41 9.84 2.13
N ALA A 23 5.43 9.22 3.30
CA ALA A 23 4.22 9.09 4.09
C ALA A 23 3.65 10.46 4.45
N VAL A 24 4.52 11.33 4.97
CA VAL A 24 4.09 12.67 5.36
C VAL A 24 3.53 13.42 4.15
N ASN A 25 4.24 13.33 3.03
CA ASN A 25 3.80 14.00 1.81
C ASN A 25 2.51 13.37 1.29
N ASN A 26 2.39 12.06 1.48
CA ASN A 26 1.19 11.35 1.01
C ASN A 26 0.51 10.64 2.18
N ASP A 27 0.02 11.43 3.13
CA ASP A 27 -0.66 10.88 4.30
C ASP A 27 -2.15 10.67 4.00
N ASP A 28 -2.46 9.56 3.33
CA ASP A 28 -3.85 9.26 2.99
C ASP A 28 -3.96 7.83 2.47
N CYS A 29 -4.83 7.05 3.10
CA CYS A 29 -5.04 5.66 2.69
C CYS A 29 -6.37 5.50 1.96
N ALA A 30 -6.36 4.76 0.86
CA ALA A 30 -7.58 4.52 0.10
C ALA A 30 -8.27 3.25 0.57
N ILE A 31 -7.52 2.41 1.28
CA ILE A 31 -8.07 1.15 1.79
C ILE A 31 -8.61 1.32 3.20
N CYS A 32 -7.70 1.49 4.15
CA CYS A 32 -8.09 1.62 5.55
C CYS A 32 -8.62 3.02 5.83
N TRP A 33 -8.12 4.00 5.09
CA TRP A 33 -8.54 5.38 5.27
C TRP A 33 -8.35 5.81 6.73
N ASP A 34 -7.11 6.10 7.09
CA ASP A 34 -6.81 6.52 8.46
C ASP A 34 -5.57 7.40 8.48
N SER A 35 -4.60 7.09 7.62
CA SER A 35 -3.37 7.88 7.55
C SER A 35 -2.41 7.45 8.64
N MET A 36 -1.25 6.92 8.24
CA MET A 36 -0.24 6.47 9.20
C MET A 36 1.15 6.60 8.60
N GLN A 37 2.17 6.47 9.45
CA GLN A 37 3.54 6.58 9.00
C GLN A 37 3.90 5.43 8.07
N ALA A 38 3.39 4.24 8.39
CA ALA A 38 3.67 3.07 7.57
C ALA A 38 3.23 3.29 6.14
N ALA A 39 4.16 3.12 5.20
CA ALA A 39 3.85 3.31 3.78
C ALA A 39 4.59 2.28 2.94
N ARG A 40 3.91 1.77 1.92
CA ARG A 40 4.51 0.77 1.03
C ARG A 40 3.96 0.93 -0.37
N LYS A 41 4.79 0.64 -1.38
CA LYS A 41 4.38 0.77 -2.76
C LYS A 41 4.18 -0.59 -3.41
N LEU A 42 3.00 -0.80 -3.99
CA LEU A 42 2.71 -2.05 -4.66
C LEU A 42 3.53 -2.16 -5.94
N PRO A 43 3.71 -3.36 -6.43
CA PRO A 43 4.48 -3.61 -7.69
C PRO A 43 3.79 -2.99 -8.90
N CYS A 44 2.49 -2.74 -8.77
CA CYS A 44 1.73 -2.16 -9.87
C CYS A 44 1.96 -0.65 -9.95
N GLY A 45 1.87 0.01 -8.80
CA GLY A 45 2.07 1.46 -8.72
C GLY A 45 1.04 2.10 -7.79
N HIS A 46 1.03 1.66 -6.54
CA HIS A 46 0.11 2.21 -5.55
C HIS A 46 0.77 2.26 -4.19
N LEU A 47 0.43 3.30 -3.41
CA LEU A 47 1.02 3.46 -2.09
C LEU A 47 0.09 3.00 -1.01
N PHE A 48 0.43 1.88 -0.37
CA PHE A 48 -0.37 1.32 0.72
C PHE A 48 0.47 1.14 1.95
N HIS A 49 -0.18 1.24 3.11
CA HIS A 49 0.52 1.09 4.38
C HIS A 49 0.96 -0.36 4.56
N ASN A 50 1.92 -0.55 5.46
CA ASN A 50 2.44 -1.90 5.70
C ASN A 50 1.33 -2.83 6.17
N SER A 51 0.47 -2.32 7.05
CA SER A 51 -0.64 -3.11 7.57
C SER A 51 -1.75 -3.23 6.53
N CYS A 52 -2.05 -2.13 5.85
CA CYS A 52 -3.10 -2.13 4.84
C CYS A 52 -2.72 -3.00 3.66
N LEU A 53 -1.50 -2.81 3.16
CA LEU A 53 -1.03 -3.59 2.02
C LEU A 53 -0.92 -5.07 2.39
N ARG A 54 -0.24 -5.35 3.49
CA ARG A 54 -0.06 -6.72 3.94
C ARG A 54 -1.40 -7.38 4.20
N SER A 55 -2.29 -6.65 4.87
CA SER A 55 -3.62 -7.16 5.18
C SER A 55 -4.33 -7.57 3.88
N TRP A 56 -4.18 -6.74 2.86
CA TRP A 56 -4.81 -7.03 1.56
C TRP A 56 -4.23 -8.32 0.98
N LEU A 57 -2.92 -8.49 1.10
CA LEU A 57 -2.26 -9.68 0.59
C LEU A 57 -2.72 -10.93 1.35
N GLU A 58 -2.95 -10.77 2.65
CA GLU A 58 -3.39 -11.88 3.48
C GLU A 58 -4.79 -12.34 3.07
N GLN A 59 -5.68 -11.38 2.85
CA GLN A 59 -7.05 -11.68 2.46
C GLN A 59 -7.14 -11.81 0.95
N ASP A 60 -6.80 -10.73 0.24
CA ASP A 60 -6.86 -10.72 -1.21
C ASP A 60 -5.49 -11.00 -1.80
N THR A 61 -5.07 -10.16 -2.75
CA THR A 61 -3.77 -10.33 -3.40
C THR A 61 -3.72 -9.55 -4.70
N SER A 62 -4.88 -9.14 -5.19
CA SER A 62 -4.96 -8.40 -6.44
C SER A 62 -4.88 -6.90 -6.18
N CYS A 63 -4.85 -6.12 -7.25
CA CYS A 63 -4.77 -4.68 -7.13
C CYS A 63 -6.17 -4.07 -7.01
N PRO A 64 -6.49 -3.47 -5.89
CA PRO A 64 -7.81 -2.84 -5.66
C PRO A 64 -8.19 -1.85 -6.76
N THR A 65 -7.18 -1.25 -7.39
CA THR A 65 -7.41 -0.28 -8.45
C THR A 65 -7.18 -0.89 -9.82
N CYS A 66 -5.93 -1.22 -10.10
CA CYS A 66 -5.58 -1.80 -11.40
C CYS A 66 -6.35 -3.09 -11.64
N ARG A 67 -6.77 -3.73 -10.57
CA ARG A 67 -7.52 -4.98 -10.68
C ARG A 67 -6.67 -6.06 -11.31
N MET A 68 -5.35 -5.88 -11.24
CA MET A 68 -4.42 -6.85 -11.82
C MET A 68 -3.77 -7.68 -10.73
N SER A 69 -3.66 -8.98 -10.98
CA SER A 69 -3.05 -9.88 -10.01
C SER A 69 -1.53 -9.74 -10.05
N LEU A 70 -0.99 -9.05 -9.04
CA LEU A 70 0.46 -8.85 -8.97
C LEU A 70 1.17 -10.17 -8.66
N ASN A 71 0.68 -11.26 -9.25
CA ASN A 71 1.28 -12.57 -9.03
C ASN A 71 2.43 -12.79 -9.99
N ILE A 72 3.66 -12.79 -9.45
CA ILE A 72 4.85 -12.99 -10.27
C ILE A 72 5.90 -13.77 -9.49
N ALA A 15 8.58 -3.36 6.25
CA ALA A 15 9.07 -3.66 4.87
C ALA A 15 8.88 -2.43 3.99
N VAL A 16 9.24 -1.26 4.51
CA VAL A 16 9.09 -0.01 3.75
C VAL A 16 10.44 0.43 3.22
N ALA A 17 10.61 0.34 1.91
CA ALA A 17 11.87 0.74 1.27
C ALA A 17 11.84 2.22 0.92
N THR A 18 10.64 2.75 0.72
CA THR A 18 10.50 4.15 0.36
C THR A 18 10.77 5.05 1.57
N PRO A 19 11.35 6.21 1.37
CA PRO A 19 11.64 7.17 2.47
C PRO A 19 10.39 7.88 2.96
N GLU A 20 10.48 8.46 4.16
CA GLU A 20 9.35 9.18 4.72
C GLU A 20 8.94 10.32 3.79
N GLU A 21 9.87 10.76 2.96
CA GLU A 21 9.59 11.84 2.04
C GLU A 21 8.32 11.53 1.24
N LEU A 22 8.29 10.36 0.64
CA LEU A 22 7.13 9.96 -0.14
C LEU A 22 5.93 9.66 0.75
N ALA A 23 6.18 8.95 1.84
CA ALA A 23 5.12 8.60 2.76
C ALA A 23 4.48 9.84 3.35
N VAL A 24 5.31 10.73 3.87
CA VAL A 24 4.83 11.96 4.47
C VAL A 24 4.06 12.79 3.44
N ASN A 25 4.59 12.87 2.23
CA ASN A 25 3.94 13.62 1.17
C ASN A 25 2.56 13.04 0.88
N ASN A 26 2.46 11.71 0.89
CA ASN A 26 1.19 11.04 0.62
C ASN A 26 0.63 10.42 1.89
N ASP A 27 0.35 11.26 2.88
CA ASP A 27 -0.19 10.78 4.14
C ASP A 27 -1.69 10.55 4.02
N ASP A 28 -2.07 9.45 3.36
CA ASP A 28 -3.47 9.13 3.18
C ASP A 28 -3.63 7.67 2.76
N CYS A 29 -4.48 6.94 3.48
CA CYS A 29 -4.71 5.53 3.19
C CYS A 29 -6.04 5.34 2.45
N ALA A 30 -6.00 4.55 1.38
CA ALA A 30 -7.22 4.29 0.61
C ALA A 30 -7.91 3.05 1.14
N ILE A 31 -7.18 2.24 1.91
CA ILE A 31 -7.74 1.01 2.47
C ILE A 31 -8.35 1.25 3.85
N CYS A 32 -7.48 1.40 4.85
CA CYS A 32 -7.94 1.62 6.22
C CYS A 32 -8.50 3.02 6.39
N TRP A 33 -7.99 3.97 5.60
CA TRP A 33 -8.46 5.34 5.69
C TRP A 33 -8.33 5.86 7.12
N ASP A 34 -7.09 5.94 7.61
CA ASP A 34 -6.84 6.42 8.97
C ASP A 34 -5.64 7.35 8.99
N SER A 35 -4.65 7.07 8.15
CA SER A 35 -3.45 7.89 8.08
C SER A 35 -2.48 7.53 9.21
N MET A 36 -1.22 7.33 8.87
CA MET A 36 -0.21 6.99 9.88
C MET A 36 1.18 7.34 9.36
N GLN A 37 2.13 6.42 9.52
CA GLN A 37 3.49 6.63 9.08
C GLN A 37 3.95 5.49 8.16
N ALA A 38 3.36 4.30 8.34
CA ALA A 38 3.73 3.16 7.52
C ALA A 38 3.25 3.37 6.09
N ALA A 39 4.17 3.21 5.14
CA ALA A 39 3.84 3.39 3.72
C ALA A 39 4.58 2.37 2.87
N ARG A 40 3.89 1.83 1.87
CA ARG A 40 4.51 0.85 0.99
C ARG A 40 3.92 0.98 -0.41
N LYS A 41 4.75 0.67 -1.42
CA LYS A 41 4.31 0.78 -2.80
C LYS A 41 4.11 -0.59 -3.44
N LEU A 42 2.96 -0.78 -4.07
CA LEU A 42 2.69 -2.06 -4.70
C LEU A 42 3.50 -2.20 -6.00
N PRO A 43 3.68 -3.41 -6.48
CA PRO A 43 4.42 -3.67 -7.74
C PRO A 43 3.75 -2.98 -8.95
N CYS A 44 2.44 -2.77 -8.83
CA CYS A 44 1.68 -2.15 -9.92
C CYS A 44 1.93 -0.64 -9.97
N GLY A 45 1.87 0.01 -8.81
CA GLY A 45 2.09 1.45 -8.72
C GLY A 45 1.05 2.09 -7.80
N HIS A 46 1.00 1.64 -6.55
CA HIS A 46 0.06 2.19 -5.57
C HIS A 46 0.72 2.25 -4.21
N LEU A 47 0.40 3.29 -3.44
CA LEU A 47 1.00 3.46 -2.11
C LEU A 47 0.06 3.01 -0.99
N PHE A 48 0.40 1.90 -0.34
CA PHE A 48 -0.38 1.32 0.75
C PHE A 48 0.47 1.12 1.98
N HIS A 49 -0.17 1.22 3.12
CA HIS A 49 0.51 1.07 4.38
C HIS A 49 0.93 -0.36 4.59
N ASN A 50 1.87 -0.59 5.49
CA ASN A 50 2.35 -1.93 5.76
C ASN A 50 1.20 -2.81 6.27
N SER A 51 0.41 -2.28 7.18
CA SER A 51 -0.72 -3.02 7.72
C SER A 51 -1.82 -3.18 6.68
N CYS A 52 -2.03 -2.12 5.90
CA CYS A 52 -3.05 -2.14 4.87
C CYS A 52 -2.66 -3.06 3.73
N LEU A 53 -1.42 -2.93 3.28
CA LEU A 53 -0.94 -3.76 2.18
C LEU A 53 -0.89 -5.23 2.57
N ARG A 54 -0.30 -5.51 3.73
CA ARG A 54 -0.20 -6.88 4.20
C ARG A 54 -1.58 -7.49 4.35
N SER A 55 -2.48 -6.74 4.97
CA SER A 55 -3.84 -7.23 5.18
C SER A 55 -4.48 -7.60 3.85
N TRP A 56 -4.28 -6.75 2.85
CA TRP A 56 -4.84 -7.01 1.53
C TRP A 56 -4.22 -8.26 0.92
N LEU A 57 -2.91 -8.41 1.08
CA LEU A 57 -2.20 -9.57 0.54
C LEU A 57 -2.70 -10.84 1.21
N GLU A 58 -3.04 -10.74 2.48
CA GLU A 58 -3.53 -11.91 3.22
C GLU A 58 -4.92 -12.30 2.71
N GLN A 59 -5.72 -11.30 2.34
CA GLN A 59 -7.07 -11.57 1.84
C GLN A 59 -7.04 -11.90 0.35
N ASP A 60 -6.45 -10.99 -0.44
CA ASP A 60 -6.35 -11.19 -1.88
C ASP A 60 -5.09 -10.52 -2.43
N THR A 61 -4.45 -11.18 -3.39
CA THR A 61 -3.24 -10.64 -4.00
C THR A 61 -3.58 -9.95 -5.32
N SER A 62 -4.50 -8.99 -5.26
CA SER A 62 -4.90 -8.25 -6.45
C SER A 62 -4.89 -6.76 -6.17
N CYS A 63 -4.77 -5.97 -7.24
CA CYS A 63 -4.74 -4.52 -7.08
C CYS A 63 -6.16 -3.94 -6.97
N PRO A 64 -6.52 -3.36 -5.85
CA PRO A 64 -7.88 -2.76 -5.66
C PRO A 64 -8.27 -1.79 -6.77
N THR A 65 -7.27 -1.20 -7.41
CA THR A 65 -7.52 -0.23 -8.49
C THR A 65 -7.24 -0.85 -9.85
N CYS A 66 -5.99 -1.20 -10.10
CA CYS A 66 -5.61 -1.78 -11.38
C CYS A 66 -6.30 -3.11 -11.58
N ARG A 67 -6.71 -3.76 -10.49
CA ARG A 67 -7.38 -5.06 -10.57
C ARG A 67 -6.47 -6.10 -11.20
N MET A 68 -5.16 -5.85 -11.13
CA MET A 68 -4.18 -6.77 -11.69
C MET A 68 -3.45 -7.54 -10.58
N SER A 69 -3.30 -8.84 -10.78
CA SER A 69 -2.62 -9.68 -9.81
C SER A 69 -1.12 -9.41 -9.83
N LEU A 70 -0.51 -9.37 -8.66
CA LEU A 70 0.93 -9.11 -8.56
C LEU A 70 1.72 -10.42 -8.60
N ASN A 71 1.01 -11.52 -8.85
CA ASN A 71 1.64 -12.83 -8.91
C ASN A 71 2.02 -13.17 -10.35
N ILE A 72 2.32 -12.14 -11.13
CA ILE A 72 2.70 -12.33 -12.52
C ILE A 72 1.62 -13.11 -13.27
N ALA A 15 8.70 -3.75 6.49
CA ALA A 15 8.93 -4.15 5.07
C ALA A 15 8.63 -2.96 4.15
N VAL A 16 8.94 -1.76 4.63
CA VAL A 16 8.70 -0.54 3.85
C VAL A 16 10.02 0.09 3.45
N ALA A 17 10.16 0.39 2.16
CA ALA A 17 11.38 1.00 1.65
C ALA A 17 11.27 2.52 1.69
N THR A 18 10.04 3.01 1.69
CA THR A 18 9.81 4.45 1.72
C THR A 18 9.80 4.98 3.16
N PRO A 19 10.30 6.17 3.39
CA PRO A 19 10.33 6.79 4.75
C PRO A 19 8.95 7.27 5.19
N GLU A 20 8.75 7.36 6.50
CA GLU A 20 7.49 7.84 7.04
C GLU A 20 7.14 9.21 6.44
N GLU A 21 8.15 9.86 5.86
CA GLU A 21 7.94 11.17 5.25
C GLU A 21 7.00 11.06 4.07
N LEU A 22 7.16 10.00 3.29
CA LEU A 22 6.31 9.79 2.12
C LEU A 22 4.86 9.68 2.54
N ALA A 23 4.60 8.94 3.61
CA ALA A 23 3.24 8.77 4.10
C ALA A 23 2.66 10.10 4.54
N VAL A 24 3.39 10.80 5.39
CA VAL A 24 2.93 12.08 5.89
C VAL A 24 2.73 13.05 4.74
N ASN A 25 3.71 13.11 3.85
CA ASN A 25 3.64 13.99 2.70
C ASN A 25 2.47 13.58 1.81
N ASN A 26 2.23 12.28 1.70
CA ASN A 26 1.14 11.76 0.88
C ASN A 26 0.09 11.11 1.77
N ASP A 27 -0.57 11.92 2.60
CA ASP A 27 -1.60 11.41 3.49
C ASP A 27 -2.89 11.16 2.74
N ASP A 28 -3.11 9.91 2.36
CA ASP A 28 -4.31 9.53 1.63
C ASP A 28 -4.41 8.02 1.47
N CYS A 29 -4.98 7.36 2.47
CA CYS A 29 -5.12 5.89 2.44
C CYS A 29 -6.50 5.51 1.94
N ALA A 30 -6.55 4.53 1.05
CA ALA A 30 -7.82 4.06 0.50
C ALA A 30 -8.29 2.83 1.26
N ILE A 31 -7.39 2.22 2.03
CA ILE A 31 -7.72 1.02 2.79
C ILE A 31 -8.19 1.38 4.19
N CYS A 32 -7.25 1.75 5.06
CA CYS A 32 -7.59 2.09 6.44
C CYS A 32 -8.00 3.53 6.56
N TRP A 33 -7.86 4.28 5.48
CA TRP A 33 -8.23 5.69 5.47
C TRP A 33 -7.43 6.47 6.52
N ASP A 34 -6.31 5.89 6.95
CA ASP A 34 -5.46 6.54 7.95
C ASP A 34 -4.85 7.81 7.36
N SER A 35 -4.20 7.68 6.21
CA SER A 35 -3.59 8.82 5.55
C SER A 35 -2.25 9.18 6.18
N MET A 36 -1.50 8.17 6.59
CA MET A 36 -0.19 8.39 7.20
C MET A 36 0.40 7.06 7.66
N GLN A 37 1.45 7.13 8.48
CA GLN A 37 2.10 5.93 9.00
C GLN A 37 2.76 5.14 7.89
N ALA A 38 3.00 3.86 8.15
CA ALA A 38 3.64 3.00 7.15
C ALA A 38 3.10 3.30 5.76
N ALA A 39 3.97 3.22 4.76
CA ALA A 39 3.58 3.48 3.38
C ALA A 39 4.46 2.69 2.41
N ARG A 40 3.89 1.61 1.89
CA ARG A 40 4.61 0.74 0.96
C ARG A 40 4.10 0.96 -0.44
N LYS A 41 4.94 0.70 -1.44
CA LYS A 41 4.55 0.88 -2.84
C LYS A 41 4.35 -0.45 -3.54
N LEU A 42 3.14 -0.67 -4.03
CA LEU A 42 2.84 -1.91 -4.73
C LEU A 42 3.64 -1.98 -6.03
N PRO A 43 3.85 -3.17 -6.54
CA PRO A 43 4.58 -3.39 -7.82
C PRO A 43 3.82 -2.79 -9.01
N CYS A 44 2.51 -2.64 -8.86
CA CYS A 44 1.69 -2.09 -9.92
C CYS A 44 1.86 -0.57 -10.01
N GLY A 45 1.86 0.08 -8.85
CA GLY A 45 2.01 1.53 -8.79
C GLY A 45 1.01 2.15 -7.82
N HIS A 46 1.04 1.70 -6.58
CA HIS A 46 0.12 2.23 -5.55
C HIS A 46 0.80 2.26 -4.20
N LEU A 47 0.49 3.28 -3.40
CA LEU A 47 1.10 3.43 -2.08
C LEU A 47 0.17 2.97 -0.98
N PHE A 48 0.50 1.83 -0.34
CA PHE A 48 -0.32 1.26 0.74
C PHE A 48 0.50 1.06 1.97
N HIS A 49 -0.15 1.24 3.12
CA HIS A 49 0.52 1.10 4.39
C HIS A 49 0.85 -0.36 4.65
N ASN A 50 2.00 -0.61 5.25
CA ASN A 50 2.43 -1.98 5.52
C ASN A 50 1.27 -2.81 6.04
N SER A 51 0.57 -2.31 7.05
CA SER A 51 -0.57 -3.01 7.62
C SER A 51 -1.68 -3.14 6.57
N CYS A 52 -1.92 -2.08 5.83
CA CYS A 52 -2.96 -2.09 4.82
C CYS A 52 -2.61 -3.01 3.66
N LEU A 53 -1.40 -2.85 3.14
CA LEU A 53 -0.97 -3.67 2.02
C LEU A 53 -0.90 -5.14 2.41
N ARG A 54 -0.28 -5.41 3.56
CA ARG A 54 -0.14 -6.77 4.03
C ARG A 54 -1.51 -7.39 4.26
N SER A 55 -2.38 -6.65 4.93
CA SER A 55 -3.73 -7.13 5.22
C SER A 55 -4.43 -7.53 3.93
N TRP A 56 -4.25 -6.71 2.89
CA TRP A 56 -4.87 -6.99 1.61
C TRP A 56 -4.34 -8.29 1.01
N LEU A 57 -3.02 -8.46 1.04
CA LEU A 57 -2.41 -9.67 0.50
C LEU A 57 -2.85 -10.90 1.28
N GLU A 58 -3.01 -10.74 2.58
CA GLU A 58 -3.44 -11.83 3.44
C GLU A 58 -4.86 -12.26 3.09
N GLN A 59 -5.68 -11.29 2.70
CA GLN A 59 -7.07 -11.58 2.33
C GLN A 59 -7.20 -11.86 0.84
N ASP A 60 -6.73 -10.92 0.02
CA ASP A 60 -6.80 -11.07 -1.43
C ASP A 60 -5.54 -10.53 -2.09
N THR A 61 -4.98 -11.30 -3.02
CA THR A 61 -3.76 -10.90 -3.71
C THR A 61 -4.10 -10.27 -5.06
N SER A 62 -4.65 -9.06 -5.02
CA SER A 62 -5.01 -8.35 -6.24
C SER A 62 -4.97 -6.85 -6.02
N CYS A 63 -4.85 -6.10 -7.12
CA CYS A 63 -4.79 -4.65 -7.03
C CYS A 63 -6.20 -4.05 -6.88
N PRO A 64 -6.50 -3.42 -5.77
CA PRO A 64 -7.85 -2.81 -5.53
C PRO A 64 -8.24 -1.82 -6.62
N THR A 65 -7.25 -1.25 -7.29
CA THR A 65 -7.50 -0.28 -8.36
C THR A 65 -7.31 -0.91 -9.73
N CYS A 66 -6.07 -1.28 -10.03
CA CYS A 66 -5.76 -1.88 -11.32
C CYS A 66 -6.51 -3.19 -11.51
N ARG A 67 -6.98 -3.76 -10.40
CA ARG A 67 -7.71 -5.02 -10.45
C ARG A 67 -6.86 -6.12 -11.07
N MET A 68 -5.54 -5.89 -11.09
CA MET A 68 -4.61 -6.86 -11.66
C MET A 68 -3.81 -7.57 -10.57
N SER A 69 -3.61 -8.87 -10.75
CA SER A 69 -2.85 -9.65 -9.78
C SER A 69 -1.36 -9.37 -9.94
N LEU A 70 -0.70 -9.05 -8.84
CA LEU A 70 0.73 -8.77 -8.86
C LEU A 70 1.54 -10.05 -8.73
N ASN A 71 2.59 -10.17 -9.54
CA ASN A 71 3.43 -11.36 -9.51
C ASN A 71 4.50 -11.23 -8.43
N ILE A 72 4.33 -12.01 -7.35
CA ILE A 72 5.29 -11.98 -6.26
C ILE A 72 6.57 -12.72 -6.63
N ALA A 15 6.86 -4.93 4.17
CA ALA A 15 8.24 -4.38 4.20
C ALA A 15 8.25 -2.98 3.59
N VAL A 16 8.39 -1.97 4.46
CA VAL A 16 8.40 -0.57 4.00
C VAL A 16 9.82 -0.03 4.03
N ALA A 17 10.40 0.15 2.85
CA ALA A 17 11.78 0.67 2.73
C ALA A 17 11.76 2.11 2.22
N THR A 18 10.71 2.46 1.51
CA THR A 18 10.59 3.80 0.96
C THR A 18 10.77 4.85 2.07
N PRO A 19 11.27 6.01 1.73
CA PRO A 19 11.48 7.12 2.74
C PRO A 19 10.15 7.68 3.26
N GLU A 20 10.20 8.28 4.44
CA GLU A 20 9.01 8.88 5.04
C GLU A 20 8.59 10.12 4.27
N GLU A 21 9.53 10.70 3.52
CA GLU A 21 9.25 11.90 2.75
C GLU A 21 8.05 11.66 1.83
N LEU A 22 8.05 10.53 1.13
CA LEU A 22 6.94 10.19 0.23
C LEU A 22 5.66 9.90 1.02
N ALA A 23 5.81 9.12 2.10
CA ALA A 23 4.66 8.77 2.93
C ALA A 23 4.02 10.02 3.52
N VAL A 24 4.84 10.90 4.06
CA VAL A 24 4.33 12.13 4.66
C VAL A 24 3.70 13.01 3.59
N ASN A 25 4.36 13.13 2.45
CA ASN A 25 3.84 13.94 1.37
C ASN A 25 2.58 13.31 0.78
N ASN A 26 2.36 12.03 1.10
CA ASN A 26 1.17 11.32 0.60
C ASN A 26 0.53 10.52 1.72
N ASP A 27 0.09 11.23 2.76
CA ASP A 27 -0.55 10.60 3.91
C ASP A 27 -2.04 10.39 3.63
N ASP A 28 -2.36 9.29 2.95
CA ASP A 28 -3.75 8.99 2.63
C ASP A 28 -3.87 7.55 2.13
N CYS A 29 -4.71 6.76 2.80
CA CYS A 29 -4.91 5.37 2.41
C CYS A 29 -6.23 5.21 1.64
N ALA A 30 -6.17 4.49 0.53
CA ALA A 30 -7.36 4.27 -0.28
C ALA A 30 -8.13 3.06 0.23
N ILE A 31 -7.44 2.20 0.99
CA ILE A 31 -8.05 0.98 1.52
C ILE A 31 -8.66 1.22 2.91
N CYS A 32 -7.79 1.43 3.90
CA CYS A 32 -8.24 1.64 5.28
C CYS A 32 -8.78 3.05 5.47
N TRP A 33 -8.77 3.84 4.40
CA TRP A 33 -9.26 5.21 4.46
C TRP A 33 -8.75 5.90 5.72
N ASP A 34 -7.42 6.03 5.82
CA ASP A 34 -6.81 6.67 6.98
C ASP A 34 -5.45 7.25 6.61
N SER A 35 -4.62 7.53 7.62
CA SER A 35 -3.30 8.09 7.39
C SER A 35 -2.33 7.63 8.48
N MET A 36 -1.14 7.19 8.09
CA MET A 36 -0.14 6.73 9.05
C MET A 36 1.27 7.05 8.53
N GLN A 37 2.28 6.37 9.09
CA GLN A 37 3.66 6.60 8.68
C GLN A 37 4.12 5.52 7.72
N ALA A 38 3.59 4.31 7.86
CA ALA A 38 3.96 3.21 6.98
C ALA A 38 3.33 3.39 5.61
N ALA A 39 4.16 3.30 4.57
CA ALA A 39 3.67 3.45 3.20
C ALA A 39 4.57 2.71 2.23
N ARG A 40 4.03 1.62 1.68
CA ARG A 40 4.77 0.80 0.72
C ARG A 40 4.20 1.01 -0.68
N LYS A 41 5.02 0.81 -1.71
CA LYS A 41 4.58 0.99 -3.08
C LYS A 41 4.34 -0.37 -3.73
N LEU A 42 3.11 -0.61 -4.22
CA LEU A 42 2.80 -1.90 -4.84
C LEU A 42 3.56 -2.09 -6.15
N PRO A 43 3.68 -3.31 -6.65
CA PRO A 43 4.40 -3.58 -7.92
C PRO A 43 3.82 -2.76 -9.09
N CYS A 44 2.54 -2.42 -9.01
CA CYS A 44 1.88 -1.67 -10.06
C CYS A 44 2.23 -0.18 -9.99
N GLY A 45 1.73 0.50 -8.95
CA GLY A 45 1.99 1.92 -8.78
C GLY A 45 0.98 2.55 -7.83
N HIS A 46 0.99 2.09 -6.58
CA HIS A 46 0.08 2.61 -5.56
C HIS A 46 0.78 2.57 -4.20
N LEU A 47 0.52 3.58 -3.36
CA LEU A 47 1.15 3.64 -2.03
C LEU A 47 0.19 3.14 -0.96
N PHE A 48 0.52 1.99 -0.37
CA PHE A 48 -0.32 1.37 0.66
C PHE A 48 0.50 1.11 1.93
N HIS A 49 -0.17 1.18 3.06
CA HIS A 49 0.48 0.98 4.35
C HIS A 49 0.81 -0.50 4.56
N ASN A 50 1.73 -0.77 5.47
CA ASN A 50 2.13 -2.14 5.76
C ASN A 50 0.95 -2.96 6.29
N SER A 51 0.27 -2.43 7.30
CA SER A 51 -0.86 -3.13 7.89
C SER A 51 -1.99 -3.28 6.87
N CYS A 52 -2.26 -2.20 6.16
CA CYS A 52 -3.33 -2.20 5.15
C CYS A 52 -2.99 -3.16 4.03
N LEU A 53 -1.75 -3.07 3.56
CA LEU A 53 -1.31 -3.91 2.46
C LEU A 53 -1.22 -5.36 2.90
N ARG A 54 -0.38 -5.63 3.88
CA ARG A 54 -0.19 -6.99 4.37
C ARG A 54 -1.55 -7.66 4.53
N SER A 55 -2.46 -7.00 5.21
CA SER A 55 -3.78 -7.56 5.40
C SER A 55 -4.43 -7.84 4.04
N TRP A 56 -4.28 -6.90 3.11
CA TRP A 56 -4.85 -7.06 1.77
C TRP A 56 -4.24 -8.26 1.06
N LEU A 57 -2.91 -8.37 1.11
CA LEU A 57 -2.21 -9.47 0.43
C LEU A 57 -2.59 -10.80 1.07
N GLU A 58 -2.82 -10.78 2.38
CA GLU A 58 -3.20 -12.00 3.09
C GLU A 58 -4.59 -12.46 2.65
N GLN A 59 -5.48 -11.50 2.41
CA GLN A 59 -6.84 -11.83 1.97
C GLN A 59 -6.90 -12.01 0.46
N ASP A 60 -6.44 -11.00 -0.27
CA ASP A 60 -6.44 -11.05 -1.74
C ASP A 60 -5.19 -10.38 -2.31
N THR A 61 -4.56 -11.04 -3.27
CA THR A 61 -3.35 -10.52 -3.91
C THR A 61 -3.71 -9.69 -5.14
N SER A 62 -4.97 -9.26 -5.21
CA SER A 62 -5.42 -8.44 -6.34
C SER A 62 -5.20 -6.97 -6.03
N CYS A 63 -5.02 -6.18 -7.09
CA CYS A 63 -4.79 -4.74 -6.93
C CYS A 63 -6.13 -3.99 -6.79
N PRO A 64 -6.42 -3.37 -5.65
CA PRO A 64 -7.70 -2.62 -5.47
C PRO A 64 -8.01 -1.67 -6.62
N THR A 65 -6.96 -1.14 -7.26
CA THR A 65 -7.15 -0.22 -8.38
C THR A 65 -6.94 -0.91 -9.73
N CYS A 66 -5.74 -1.42 -9.95
CA CYS A 66 -5.45 -2.09 -11.22
C CYS A 66 -6.26 -3.39 -11.34
N ARG A 67 -6.64 -3.97 -10.21
CA ARG A 67 -7.40 -5.24 -10.21
C ARG A 67 -6.58 -6.36 -10.82
N MET A 68 -5.26 -6.19 -10.80
CA MET A 68 -4.34 -7.20 -11.33
C MET A 68 -3.66 -7.97 -10.20
N SER A 69 -3.67 -9.29 -10.33
CA SER A 69 -3.04 -10.16 -9.35
C SER A 69 -1.53 -9.99 -9.38
N LEU A 70 -0.99 -9.31 -8.36
CA LEU A 70 0.44 -9.08 -8.28
C LEU A 70 1.18 -10.41 -8.15
N ASN A 71 2.21 -10.60 -8.98
CA ASN A 71 3.00 -11.83 -8.92
C ASN A 71 2.10 -13.05 -8.90
N ILE A 72 1.43 -13.33 -10.02
CA ILE A 72 0.53 -14.47 -10.11
C ILE A 72 1.18 -15.71 -9.48
N ALA A 15 6.83 -4.47 4.74
CA ALA A 15 8.25 -4.14 4.39
C ALA A 15 8.29 -2.73 3.77
N VAL A 16 8.66 -1.75 4.57
CA VAL A 16 8.74 -0.36 4.10
C VAL A 16 10.20 0.05 3.92
N ALA A 17 10.62 0.19 2.66
CA ALA A 17 12.00 0.58 2.35
C ALA A 17 12.05 2.04 1.90
N THR A 18 10.88 2.63 1.68
CA THR A 18 10.80 4.02 1.24
C THR A 18 10.92 4.98 2.43
N PRO A 19 11.47 6.16 2.22
CA PRO A 19 11.62 7.19 3.31
C PRO A 19 10.27 7.70 3.81
N GLU A 20 10.25 8.17 5.06
CA GLU A 20 9.04 8.70 5.66
C GLU A 20 8.65 10.01 4.99
N GLU A 21 9.61 10.63 4.29
CA GLU A 21 9.36 11.89 3.61
C GLU A 21 8.18 11.75 2.66
N LEU A 22 8.17 10.66 1.89
CA LEU A 22 7.08 10.42 0.94
C LEU A 22 5.78 10.11 1.68
N ALA A 23 5.88 9.30 2.71
CA ALA A 23 4.70 8.92 3.49
C ALA A 23 4.07 10.15 4.13
N VAL A 24 4.89 10.94 4.79
CA VAL A 24 4.41 12.14 5.46
C VAL A 24 3.81 13.10 4.45
N ASN A 25 4.48 13.26 3.32
CA ASN A 25 4.00 14.13 2.27
C ASN A 25 2.67 13.63 1.74
N ASN A 26 2.55 12.30 1.62
CA ASN A 26 1.33 11.68 1.11
C ASN A 26 0.65 10.82 2.18
N ASP A 27 0.15 11.48 3.22
CA ASP A 27 -0.52 10.77 4.31
C ASP A 27 -1.98 10.52 3.97
N ASP A 28 -2.23 9.43 3.26
CA ASP A 28 -3.59 9.08 2.85
C ASP A 28 -3.63 7.65 2.30
N CYS A 29 -4.56 6.86 2.81
CA CYS A 29 -4.72 5.47 2.37
C CYS A 29 -5.92 5.32 1.45
N ALA A 30 -5.79 4.47 0.45
CA ALA A 30 -6.88 4.23 -0.49
C ALA A 30 -7.77 3.08 0.01
N ILE A 31 -7.18 2.20 0.81
CA ILE A 31 -7.90 1.04 1.34
C ILE A 31 -8.54 1.35 2.70
N CYS A 32 -7.71 1.61 3.70
CA CYS A 32 -8.21 1.89 5.05
C CYS A 32 -8.64 3.35 5.18
N TRP A 33 -8.61 4.08 4.07
CA TRP A 33 -8.99 5.48 4.07
C TRP A 33 -8.48 6.20 5.32
N ASP A 34 -7.43 5.63 5.93
CA ASP A 34 -6.85 6.21 7.13
C ASP A 34 -5.57 6.98 6.78
N SER A 35 -4.74 7.24 7.80
CA SER A 35 -3.49 7.97 7.59
C SER A 35 -2.47 7.58 8.67
N MET A 36 -1.42 6.86 8.28
CA MET A 36 -0.38 6.44 9.23
C MET A 36 1.00 6.59 8.61
N GLN A 37 2.03 6.51 9.44
CA GLN A 37 3.40 6.63 8.96
C GLN A 37 3.76 5.47 8.03
N ALA A 38 3.30 4.28 8.37
CA ALA A 38 3.60 3.11 7.56
C ALA A 38 3.20 3.35 6.11
N ALA A 39 4.16 3.18 5.19
CA ALA A 39 3.93 3.40 3.78
C ALA A 39 4.66 2.36 2.95
N ARG A 40 3.99 1.82 1.94
CA ARG A 40 4.59 0.82 1.07
C ARG A 40 4.06 0.97 -0.34
N LYS A 41 4.89 0.65 -1.34
CA LYS A 41 4.48 0.79 -2.74
C LYS A 41 4.31 -0.59 -3.39
N LEU A 42 3.25 -0.72 -4.20
CA LEU A 42 2.97 -1.99 -4.89
C LEU A 42 3.67 -1.99 -6.26
N PRO A 43 3.98 -3.15 -6.79
CA PRO A 43 4.65 -3.27 -8.13
C PRO A 43 3.78 -2.70 -9.25
N CYS A 44 2.47 -2.58 -8.98
CA CYS A 44 1.54 -2.04 -9.96
C CYS A 44 1.70 -0.53 -10.08
N GLY A 45 1.59 0.17 -8.93
CA GLY A 45 1.72 1.63 -8.91
C GLY A 45 0.73 2.24 -7.91
N HIS A 46 0.76 1.73 -6.68
CA HIS A 46 -0.11 2.22 -5.62
C HIS A 46 0.66 2.27 -4.29
N LEU A 47 0.37 3.27 -3.46
CA LEU A 47 1.06 3.41 -2.17
C LEU A 47 0.13 3.03 -1.03
N PHE A 48 0.45 1.92 -0.38
CA PHE A 48 -0.36 1.39 0.73
C PHE A 48 0.50 1.19 1.97
N HIS A 49 -0.14 1.26 3.14
CA HIS A 49 0.57 1.10 4.40
C HIS A 49 0.98 -0.35 4.61
N ASN A 50 1.91 -0.58 5.53
CA ASN A 50 2.39 -1.93 5.80
C ASN A 50 1.24 -2.84 6.24
N SER A 51 0.43 -2.34 7.17
CA SER A 51 -0.70 -3.12 7.66
C SER A 51 -1.79 -3.23 6.59
N CYS A 52 -2.04 -2.12 5.89
CA CYS A 52 -3.07 -2.10 4.86
C CYS A 52 -2.70 -3.03 3.72
N LEU A 53 -1.46 -2.92 3.24
CA LEU A 53 -1.01 -3.77 2.14
C LEU A 53 -0.98 -5.24 2.59
N ARG A 54 -0.32 -5.50 3.71
CA ARG A 54 -0.23 -6.86 4.23
C ARG A 54 -1.61 -7.47 4.40
N SER A 55 -2.52 -6.70 4.97
CA SER A 55 -3.87 -7.17 5.17
C SER A 55 -4.45 -7.60 3.82
N TRP A 56 -4.22 -6.78 2.80
CA TRP A 56 -4.72 -7.11 1.46
C TRP A 56 -4.12 -8.41 0.95
N LEU A 57 -2.82 -8.60 1.20
CA LEU A 57 -2.15 -9.82 0.74
C LEU A 57 -2.76 -11.05 1.40
N GLU A 58 -3.20 -10.90 2.65
CA GLU A 58 -3.82 -12.00 3.38
C GLU A 58 -5.18 -12.31 2.79
N GLN A 59 -5.90 -11.26 2.39
CA GLN A 59 -7.23 -11.43 1.80
C GLN A 59 -7.14 -11.85 0.33
N ASP A 60 -6.45 -11.04 -0.47
CA ASP A 60 -6.29 -11.34 -1.89
C ASP A 60 -5.06 -10.66 -2.47
N THR A 61 -4.41 -11.30 -3.44
CA THR A 61 -3.22 -10.75 -4.09
C THR A 61 -3.60 -10.07 -5.40
N SER A 62 -4.48 -9.07 -5.31
CA SER A 62 -4.92 -8.33 -6.49
C SER A 62 -4.88 -6.83 -6.22
N CYS A 63 -4.81 -6.06 -7.30
CA CYS A 63 -4.76 -4.61 -7.19
C CYS A 63 -6.15 -4.03 -6.89
N PRO A 64 -6.37 -3.42 -5.75
CA PRO A 64 -7.70 -2.83 -5.42
C PRO A 64 -8.24 -1.90 -6.52
N THR A 65 -7.33 -1.28 -7.29
CA THR A 65 -7.74 -0.37 -8.36
C THR A 65 -7.59 -1.01 -9.73
N CYS A 66 -6.36 -1.31 -10.10
CA CYS A 66 -6.10 -1.91 -11.41
C CYS A 66 -6.79 -3.27 -11.52
N ARG A 67 -7.05 -3.90 -10.37
CA ARG A 67 -7.70 -5.21 -10.37
C ARG A 67 -6.82 -6.26 -11.04
N MET A 68 -5.53 -5.97 -11.12
CA MET A 68 -4.57 -6.88 -11.75
C MET A 68 -3.79 -7.66 -10.70
N SER A 69 -3.67 -8.96 -10.91
CA SER A 69 -2.94 -9.81 -9.99
C SER A 69 -1.49 -9.33 -9.86
N LEU A 70 -1.03 -9.18 -8.63
CA LEU A 70 0.33 -8.72 -8.37
C LEU A 70 1.23 -9.92 -8.07
N ASN A 71 2.46 -9.87 -8.58
CA ASN A 71 3.40 -10.95 -8.36
C ASN A 71 3.64 -11.20 -6.87
N ILE A 72 3.45 -12.43 -6.43
CA ILE A 72 3.64 -12.78 -5.04
C ILE A 72 5.06 -12.47 -4.58
N ALA A 15 7.92 -4.17 5.24
CA ALA A 15 9.14 -4.00 4.40
C ALA A 15 8.94 -2.82 3.46
N VAL A 16 9.24 -1.62 3.95
CA VAL A 16 9.09 -0.41 3.15
C VAL A 16 10.46 0.11 2.73
N ALA A 17 10.76 0.01 1.44
CA ALA A 17 12.03 0.48 0.90
C ALA A 17 11.99 1.98 0.66
N THR A 18 10.79 2.55 0.74
CA THR A 18 10.63 3.99 0.52
C THR A 18 10.91 4.77 1.81
N PRO A 19 11.47 5.95 1.71
CA PRO A 19 11.79 6.81 2.90
C PRO A 19 10.53 7.41 3.53
N GLU A 20 10.65 7.82 4.78
CA GLU A 20 9.52 8.43 5.48
C GLU A 20 8.99 9.61 4.68
N GLU A 21 9.85 10.19 3.84
CA GLU A 21 9.46 11.32 3.02
C GLU A 21 8.23 10.98 2.20
N LEU A 22 8.22 9.79 1.63
CA LEU A 22 7.08 9.35 0.83
C LEU A 22 5.82 9.29 1.68
N ALA A 23 5.95 8.72 2.86
CA ALA A 23 4.80 8.59 3.75
C ALA A 23 4.20 9.95 4.04
N VAL A 24 5.05 10.91 4.37
CA VAL A 24 4.59 12.25 4.67
C VAL A 24 3.89 12.84 3.45
N ASN A 25 4.51 12.68 2.29
CA ASN A 25 3.93 13.21 1.06
C ASN A 25 2.54 12.63 0.86
N ASN A 26 2.39 11.35 1.20
CA ASN A 26 1.09 10.68 1.07
C ASN A 26 0.31 10.86 2.37
N ASP A 27 0.37 9.88 3.27
CA ASP A 27 -0.33 9.95 4.56
C ASP A 27 -1.82 9.69 4.38
N ASP A 28 -2.20 9.10 3.24
CA ASP A 28 -3.60 8.82 2.95
C ASP A 28 -3.74 7.42 2.38
N CYS A 29 -4.62 6.63 3.00
CA CYS A 29 -4.86 5.27 2.57
C CYS A 29 -6.17 5.15 1.81
N ALA A 30 -6.13 4.54 0.64
CA ALA A 30 -7.35 4.36 -0.15
C ALA A 30 -8.12 3.14 0.34
N ILE A 31 -7.45 2.30 1.12
CA ILE A 31 -8.06 1.08 1.65
C ILE A 31 -8.65 1.30 3.04
N CYS A 32 -7.79 1.45 4.04
CA CYS A 32 -8.23 1.64 5.42
C CYS A 32 -8.74 3.06 5.63
N TRP A 33 -8.57 3.90 4.63
CA TRP A 33 -9.02 5.30 4.74
C TRP A 33 -8.52 5.91 6.04
N ASP A 34 -7.21 6.12 6.11
CA ASP A 34 -6.62 6.72 7.31
C ASP A 34 -5.20 7.21 7.01
N SER A 35 -4.46 7.55 8.06
CA SER A 35 -3.10 8.04 7.91
C SER A 35 -2.19 7.42 8.97
N MET A 36 -0.91 7.29 8.65
CA MET A 36 0.05 6.72 9.59
C MET A 36 1.47 7.14 9.22
N GLN A 37 2.38 6.17 9.19
CA GLN A 37 3.78 6.43 8.85
C GLN A 37 4.29 5.40 7.84
N ALA A 38 3.83 4.16 7.97
CA ALA A 38 4.26 3.12 7.05
C ALA A 38 3.53 3.24 5.72
N ALA A 39 4.30 3.15 4.63
CA ALA A 39 3.72 3.27 3.29
C ALA A 39 4.59 2.56 2.26
N ARG A 40 4.06 1.49 1.68
CA ARG A 40 4.78 0.72 0.68
C ARG A 40 4.16 0.97 -0.69
N LYS A 41 4.98 0.82 -1.73
CA LYS A 41 4.51 1.04 -3.10
C LYS A 41 4.36 -0.27 -3.85
N LEU A 42 3.15 -0.56 -4.28
CA LEU A 42 2.89 -1.79 -5.02
C LEU A 42 3.62 -1.75 -6.37
N PRO A 43 3.89 -2.89 -6.95
CA PRO A 43 4.59 -2.99 -8.27
C PRO A 43 3.76 -2.34 -9.38
N CYS A 44 2.45 -2.27 -9.19
CA CYS A 44 1.57 -1.66 -10.18
C CYS A 44 1.71 -0.14 -10.18
N GLY A 45 1.72 0.45 -8.99
CA GLY A 45 1.84 1.90 -8.84
C GLY A 45 0.82 2.45 -7.84
N HIS A 46 0.89 1.95 -6.60
CA HIS A 46 -0.03 2.40 -5.56
C HIS A 46 0.69 2.42 -4.21
N LEU A 47 0.38 3.41 -3.38
CA LEU A 47 1.02 3.54 -2.05
C LEU A 47 0.10 3.03 -0.95
N PHE A 48 0.49 1.91 -0.33
CA PHE A 48 -0.31 1.29 0.74
C PHE A 48 0.52 1.09 2.00
N HIS A 49 -0.16 1.22 3.12
CA HIS A 49 0.47 1.07 4.42
C HIS A 49 0.83 -0.39 4.66
N ASN A 50 1.74 -0.63 5.59
CA ASN A 50 2.16 -1.98 5.89
C ASN A 50 0.99 -2.82 6.38
N SER A 51 0.29 -2.34 7.40
CA SER A 51 -0.85 -3.06 7.95
C SER A 51 -1.94 -3.22 6.90
N CYS A 52 -2.17 -2.17 6.13
CA CYS A 52 -3.20 -2.21 5.10
C CYS A 52 -2.80 -3.12 3.96
N LEU A 53 -1.56 -2.97 3.50
CA LEU A 53 -1.07 -3.79 2.39
C LEU A 53 -1.04 -5.26 2.79
N ARG A 54 -0.48 -5.53 3.95
CA ARG A 54 -0.37 -6.91 4.40
C ARG A 54 -1.75 -7.54 4.53
N SER A 55 -2.65 -6.78 5.14
CA SER A 55 -4.01 -7.28 5.33
C SER A 55 -4.62 -7.64 3.98
N TRP A 56 -4.42 -6.78 3.00
CA TRP A 56 -4.95 -7.02 1.66
C TRP A 56 -4.31 -8.26 1.06
N LEU A 57 -3.00 -8.40 1.22
CA LEU A 57 -2.29 -9.55 0.67
C LEU A 57 -2.81 -10.83 1.29
N GLU A 58 -3.12 -10.77 2.58
CA GLU A 58 -3.64 -11.93 3.28
C GLU A 58 -5.00 -12.32 2.73
N GLN A 59 -5.81 -11.32 2.36
CA GLN A 59 -7.14 -11.58 1.82
C GLN A 59 -7.07 -11.85 0.32
N ASP A 60 -6.49 -10.90 -0.42
CA ASP A 60 -6.36 -11.02 -1.86
C ASP A 60 -5.07 -10.34 -2.34
N THR A 61 -4.39 -10.99 -3.28
CA THR A 61 -3.14 -10.46 -3.84
C THR A 61 -3.42 -9.68 -5.11
N SER A 62 -4.67 -9.26 -5.28
CA SER A 62 -5.06 -8.49 -6.46
C SER A 62 -4.94 -7.00 -6.19
N CYS A 63 -4.78 -6.22 -7.26
CA CYS A 63 -4.65 -4.78 -7.12
C CYS A 63 -6.05 -4.14 -6.95
N PRO A 64 -6.37 -3.53 -5.82
CA PRO A 64 -7.71 -2.89 -5.60
C PRO A 64 -8.14 -1.95 -6.73
N THR A 65 -7.16 -1.40 -7.44
CA THR A 65 -7.43 -0.47 -8.53
C THR A 65 -7.17 -1.13 -9.88
N CYS A 66 -5.91 -1.42 -10.15
CA CYS A 66 -5.55 -2.03 -11.42
C CYS A 66 -6.26 -3.38 -11.59
N ARG A 67 -6.63 -3.99 -10.47
CA ARG A 67 -7.31 -5.29 -10.50
C ARG A 67 -6.38 -6.36 -11.09
N MET A 68 -5.09 -6.07 -11.09
CA MET A 68 -4.10 -7.00 -11.62
C MET A 68 -3.34 -7.69 -10.50
N SER A 69 -3.17 -9.00 -10.63
CA SER A 69 -2.44 -9.78 -9.65
C SER A 69 -0.96 -9.44 -9.69
N LEU A 70 -0.35 -9.28 -8.52
CA LEU A 70 1.07 -8.94 -8.42
C LEU A 70 1.87 -10.18 -8.06
N ASN A 71 1.32 -11.34 -8.36
CA ASN A 71 2.01 -12.60 -8.04
C ASN A 71 3.04 -12.91 -9.11
N ILE A 72 4.31 -12.79 -8.74
CA ILE A 72 5.40 -13.06 -9.67
C ILE A 72 5.43 -14.54 -10.03
N ALA A 15 7.24 -4.42 5.18
CA ALA A 15 8.59 -4.07 4.66
C ALA A 15 8.50 -2.75 3.90
N VAL A 16 8.93 -1.66 4.53
CA VAL A 16 8.90 -0.34 3.91
C VAL A 16 10.31 0.09 3.53
N ALA A 17 10.58 0.13 2.23
CA ALA A 17 11.89 0.55 1.73
C ALA A 17 11.89 2.03 1.41
N THR A 18 10.69 2.61 1.29
CA THR A 18 10.56 4.03 0.98
C THR A 18 10.64 4.87 2.25
N PRO A 19 11.21 6.06 2.18
CA PRO A 19 11.33 6.97 3.36
C PRO A 19 9.99 7.61 3.74
N GLU A 20 9.88 8.02 4.99
CA GLU A 20 8.67 8.66 5.47
C GLU A 20 8.37 9.92 4.64
N GLU A 21 9.41 10.41 3.97
CA GLU A 21 9.27 11.59 3.13
C GLU A 21 8.12 11.43 2.15
N LEU A 22 8.12 10.30 1.44
CA LEU A 22 7.07 10.04 0.48
C LEU A 22 5.71 9.88 1.16
N ALA A 23 5.70 9.16 2.27
CA ALA A 23 4.46 8.93 3.00
C ALA A 23 3.87 10.25 3.48
N VAL A 24 4.71 11.07 4.08
CA VAL A 24 4.27 12.37 4.59
C VAL A 24 3.79 13.24 3.44
N ASN A 25 4.56 13.26 2.36
CA ASN A 25 4.20 14.07 1.19
C ASN A 25 3.09 13.39 0.40
N ASN A 26 2.85 12.12 0.69
CA ASN A 26 1.81 11.36 -0.01
C ASN A 26 1.15 10.36 0.93
N ASP A 27 0.58 10.87 2.02
CA ASP A 27 -0.09 10.01 3.00
C ASP A 27 -1.45 9.59 2.46
N ASP A 28 -2.45 9.60 3.33
CA ASP A 28 -3.81 9.22 2.93
C ASP A 28 -3.82 7.79 2.39
N CYS A 29 -4.73 6.97 2.90
CA CYS A 29 -4.83 5.57 2.47
C CYS A 29 -6.01 5.39 1.51
N ALA A 30 -5.85 4.49 0.55
CA ALA A 30 -6.90 4.23 -0.42
C ALA A 30 -7.82 3.11 0.09
N ILE A 31 -7.25 2.21 0.90
CA ILE A 31 -8.00 1.08 1.44
C ILE A 31 -8.58 1.39 2.82
N CYS A 32 -7.70 1.63 3.79
CA CYS A 32 -8.13 1.92 5.15
C CYS A 32 -8.53 3.39 5.31
N TRP A 33 -8.46 4.14 4.22
CA TRP A 33 -8.82 5.56 4.26
C TRP A 33 -8.28 6.21 5.53
N ASP A 34 -6.97 6.35 5.60
CA ASP A 34 -6.33 6.97 6.76
C ASP A 34 -4.92 7.42 6.42
N SER A 35 -4.19 7.89 7.43
CA SER A 35 -2.81 8.35 7.23
C SER A 35 -1.92 7.87 8.36
N MET A 36 -0.82 7.21 8.01
CA MET A 36 0.12 6.69 9.00
C MET A 36 1.55 6.74 8.46
N GLN A 37 2.51 6.48 9.33
CA GLN A 37 3.90 6.49 8.93
C GLN A 37 4.21 5.34 7.99
N ALA A 38 3.61 4.19 8.25
CA ALA A 38 3.85 3.01 7.43
C ALA A 38 3.36 3.24 6.01
N ALA A 39 4.26 3.10 5.05
CA ALA A 39 3.93 3.29 3.64
C ALA A 39 4.62 2.25 2.77
N ARG A 40 3.87 1.64 1.87
CA ARG A 40 4.40 0.62 0.99
C ARG A 40 3.94 0.88 -0.45
N LYS A 41 4.82 0.60 -1.40
CA LYS A 41 4.51 0.79 -2.81
C LYS A 41 4.34 -0.54 -3.51
N LEU A 42 3.22 -0.71 -4.20
CA LEU A 42 2.94 -1.95 -4.91
C LEU A 42 3.63 -1.95 -6.28
N PRO A 43 3.85 -3.12 -6.84
CA PRO A 43 4.50 -3.27 -8.17
C PRO A 43 3.67 -2.60 -9.28
N CYS A 44 2.38 -2.44 -9.02
CA CYS A 44 1.49 -1.81 -10.01
C CYS A 44 1.75 -0.30 -10.08
N GLY A 45 1.51 0.39 -8.96
CA GLY A 45 1.70 1.85 -8.91
C GLY A 45 0.76 2.46 -7.89
N HIS A 46 0.80 1.96 -6.66
CA HIS A 46 -0.03 2.49 -5.59
C HIS A 46 0.71 2.45 -4.25
N LEU A 47 0.42 3.42 -3.38
CA LEU A 47 1.08 3.47 -2.08
C LEU A 47 0.14 3.01 -0.96
N PHE A 48 0.45 1.85 -0.37
CA PHE A 48 -0.36 1.25 0.69
C PHE A 48 0.47 1.03 1.93
N HIS A 49 -0.17 1.18 3.08
CA HIS A 49 0.51 1.03 4.35
C HIS A 49 0.85 -0.43 4.59
N ASN A 50 1.78 -0.66 5.51
CA ASN A 50 2.19 -2.02 5.83
C ASN A 50 1.02 -2.84 6.37
N SER A 51 0.33 -2.29 7.36
CA SER A 51 -0.81 -2.97 7.94
C SER A 51 -1.94 -3.12 6.92
N CYS A 52 -2.18 -2.06 6.17
CA CYS A 52 -3.23 -2.08 5.16
C CYS A 52 -2.87 -3.02 4.03
N LEU A 53 -1.63 -2.94 3.58
CA LEU A 53 -1.17 -3.79 2.50
C LEU A 53 -1.12 -5.24 2.94
N ARG A 54 -0.27 -5.53 3.93
CA ARG A 54 -0.12 -6.89 4.42
C ARG A 54 -1.48 -7.54 4.58
N SER A 55 -2.40 -6.84 5.22
CA SER A 55 -3.74 -7.36 5.41
C SER A 55 -4.38 -7.67 4.06
N TRP A 56 -4.17 -6.78 3.10
CA TRP A 56 -4.73 -6.97 1.76
C TRP A 56 -4.12 -8.19 1.09
N LEU A 57 -2.81 -8.34 1.24
CA LEU A 57 -2.10 -9.47 0.65
C LEU A 57 -2.58 -10.77 1.25
N GLU A 58 -2.93 -10.72 2.53
CA GLU A 58 -3.42 -11.91 3.22
C GLU A 58 -4.80 -12.29 2.71
N GLN A 59 -5.66 -11.30 2.50
CA GLN A 59 -7.03 -11.57 2.01
C GLN A 59 -7.04 -11.64 0.49
N ASP A 60 -6.65 -10.54 -0.16
CA ASP A 60 -6.63 -10.48 -1.62
C ASP A 60 -5.22 -10.76 -2.13
N THR A 61 -4.73 -9.90 -3.02
CA THR A 61 -3.39 -10.05 -3.58
C THR A 61 -3.27 -9.28 -4.90
N SER A 62 -4.40 -8.88 -5.46
CA SER A 62 -4.42 -8.15 -6.72
C SER A 62 -4.45 -6.66 -6.47
N CYS A 63 -4.53 -5.89 -7.54
CA CYS A 63 -4.56 -4.44 -7.43
C CYS A 63 -5.99 -3.94 -7.10
N PRO A 64 -6.24 -3.37 -5.94
CA PRO A 64 -7.59 -2.86 -5.56
C PRO A 64 -8.21 -1.94 -6.62
N THR A 65 -7.36 -1.29 -7.41
CA THR A 65 -7.82 -0.37 -8.44
C THR A 65 -7.74 -1.01 -9.82
N CYS A 66 -6.52 -1.31 -10.25
CA CYS A 66 -6.32 -1.92 -11.56
C CYS A 66 -6.94 -3.31 -11.61
N ARG A 67 -7.01 -3.97 -10.47
CA ARG A 67 -7.58 -5.32 -10.41
C ARG A 67 -6.68 -6.31 -11.13
N MET A 68 -5.39 -5.97 -11.22
CA MET A 68 -4.42 -6.84 -11.88
C MET A 68 -3.62 -7.63 -10.86
N SER A 69 -3.57 -8.94 -11.05
CA SER A 69 -2.83 -9.82 -10.16
C SER A 69 -1.34 -9.49 -10.22
N LEU A 70 -0.76 -9.20 -9.06
CA LEU A 70 0.67 -8.86 -9.00
C LEU A 70 1.48 -10.09 -8.60
N ASN A 71 2.55 -10.35 -9.37
CA ASN A 71 3.41 -11.49 -9.09
C ASN A 71 2.57 -12.75 -8.90
N ILE A 72 1.94 -13.21 -9.98
CA ILE A 72 1.11 -14.41 -9.93
C ILE A 72 1.81 -15.52 -9.14
N ALA A 15 7.10 -4.53 5.38
CA ALA A 15 8.50 -4.17 4.97
C ALA A 15 8.44 -2.99 4.02
N VAL A 16 8.96 -1.84 4.47
CA VAL A 16 8.97 -0.63 3.65
C VAL A 16 10.38 -0.35 3.14
N ALA A 17 10.55 -0.40 1.82
CA ALA A 17 11.85 -0.14 1.22
C ALA A 17 11.96 1.32 0.81
N THR A 18 10.83 2.02 0.83
CA THR A 18 10.81 3.44 0.45
C THR A 18 11.17 4.31 1.65
N PRO A 19 11.78 5.46 1.41
CA PRO A 19 12.16 6.41 2.50
C PRO A 19 10.95 7.10 3.12
N GLU A 20 11.13 7.58 4.34
CA GLU A 20 10.05 8.28 5.04
C GLU A 20 9.54 9.42 4.16
N GLU A 21 10.39 9.91 3.27
CA GLU A 21 10.01 11.00 2.38
C GLU A 21 8.70 10.68 1.68
N LEU A 22 8.64 9.51 1.06
CA LEU A 22 7.43 9.10 0.36
C LEU A 22 6.26 8.98 1.33
N ALA A 23 6.51 8.33 2.45
CA ALA A 23 5.46 8.12 3.45
C ALA A 23 4.90 9.46 3.90
N VAL A 24 5.78 10.38 4.26
CA VAL A 24 5.35 11.70 4.70
C VAL A 24 4.60 12.41 3.57
N ASN A 25 5.17 12.34 2.37
CA ASN A 25 4.55 12.98 1.23
C ASN A 25 3.13 12.46 1.04
N ASN A 26 2.95 11.15 1.30
CA ASN A 26 1.64 10.52 1.17
C ASN A 26 0.89 10.62 2.49
N ASP A 27 0.92 9.53 3.28
CA ASP A 27 0.24 9.50 4.57
C ASP A 27 -1.27 9.34 4.38
N ASP A 28 -1.68 8.88 3.22
CA ASP A 28 -3.10 8.71 2.92
C ASP A 28 -3.34 7.34 2.32
N CYS A 29 -4.24 6.59 2.96
CA CYS A 29 -4.57 5.23 2.48
C CYS A 29 -5.95 5.22 1.81
N ALA A 30 -5.99 4.73 0.59
CA ALA A 30 -7.26 4.65 -0.13
C ALA A 30 -8.06 3.43 0.33
N ILE A 31 -7.40 2.56 1.11
CA ILE A 31 -8.06 1.35 1.62
C ILE A 31 -8.65 1.58 3.01
N CYS A 32 -7.78 1.71 4.01
CA CYS A 32 -8.22 1.91 5.38
C CYS A 32 -8.71 3.35 5.58
N TRP A 33 -8.64 4.15 4.53
CA TRP A 33 -9.09 5.54 4.60
C TRP A 33 -8.61 6.18 5.89
N ASP A 34 -7.29 6.29 6.05
CA ASP A 34 -6.73 6.89 7.25
C ASP A 34 -5.30 7.38 6.98
N SER A 35 -4.52 7.51 8.05
CA SER A 35 -3.14 7.96 7.92
C SER A 35 -2.27 7.41 9.05
N MET A 36 -0.97 7.36 8.84
CA MET A 36 -0.05 6.86 9.85
C MET A 36 1.39 7.13 9.44
N GLN A 37 2.23 6.09 9.51
CA GLN A 37 3.63 6.19 9.15
C GLN A 37 4.01 5.13 8.12
N ALA A 38 3.67 3.88 8.41
CA ALA A 38 3.99 2.80 7.50
C ALA A 38 3.52 3.12 6.09
N ALA A 39 4.40 2.95 5.12
CA ALA A 39 4.07 3.23 3.72
C ALA A 39 4.70 2.19 2.81
N ARG A 40 3.89 1.62 1.91
CA ARG A 40 4.37 0.62 0.98
C ARG A 40 3.90 0.95 -0.43
N LYS A 41 4.76 0.68 -1.41
CA LYS A 41 4.43 0.94 -2.81
C LYS A 41 4.28 -0.35 -3.59
N LEU A 42 3.09 -0.59 -4.10
CA LEU A 42 2.84 -1.80 -4.87
C LEU A 42 3.64 -1.76 -6.18
N PRO A 43 3.93 -2.91 -6.75
CA PRO A 43 4.68 -3.01 -8.02
C PRO A 43 3.89 -2.43 -9.19
N CYS A 44 2.58 -2.26 -9.01
CA CYS A 44 1.73 -1.71 -10.05
C CYS A 44 1.81 -0.20 -10.11
N GLY A 45 1.79 0.43 -8.93
CA GLY A 45 1.87 1.89 -8.84
C GLY A 45 0.85 2.43 -7.85
N HIS A 46 0.88 1.92 -6.62
CA HIS A 46 -0.05 2.38 -5.58
C HIS A 46 0.65 2.43 -4.24
N LEU A 47 0.30 3.42 -3.42
CA LEU A 47 0.93 3.57 -2.10
C LEU A 47 0.02 3.09 -0.99
N PHE A 48 0.40 1.96 -0.37
CA PHE A 48 -0.39 1.33 0.72
C PHE A 48 0.48 1.10 1.93
N HIS A 49 -0.16 1.26 3.09
CA HIS A 49 0.54 1.10 4.34
C HIS A 49 0.87 -0.36 4.56
N ASN A 50 1.84 -0.63 5.42
CA ASN A 50 2.25 -2.01 5.68
C ASN A 50 1.08 -2.83 6.21
N SER A 51 0.39 -2.31 7.23
CA SER A 51 -0.75 -3.01 7.80
C SER A 51 -1.88 -3.11 6.78
N CYS A 52 -2.09 -2.05 6.02
CA CYS A 52 -3.14 -2.04 5.01
C CYS A 52 -2.82 -3.01 3.89
N LEU A 53 -1.62 -2.90 3.34
CA LEU A 53 -1.22 -3.77 2.27
C LEU A 53 -1.16 -5.23 2.72
N ARG A 54 -0.44 -5.47 3.80
CA ARG A 54 -0.29 -6.82 4.31
C ARG A 54 -1.66 -7.47 4.46
N SER A 55 -2.55 -6.76 5.15
CA SER A 55 -3.90 -7.28 5.35
C SER A 55 -4.52 -7.69 4.02
N TRP A 56 -4.33 -6.84 3.02
CA TRP A 56 -4.88 -7.12 1.69
C TRP A 56 -4.20 -8.35 1.09
N LEU A 57 -2.89 -8.45 1.28
CA LEU A 57 -2.14 -9.59 0.75
C LEU A 57 -2.64 -10.88 1.35
N GLU A 58 -2.96 -10.85 2.64
CA GLU A 58 -3.46 -12.03 3.32
C GLU A 58 -4.83 -12.43 2.76
N GLN A 59 -5.65 -11.43 2.45
CA GLN A 59 -6.98 -11.70 1.91
C GLN A 59 -6.88 -12.12 0.44
N ASP A 60 -6.18 -11.31 -0.36
CA ASP A 60 -6.01 -11.60 -1.77
C ASP A 60 -4.83 -10.84 -2.34
N THR A 61 -4.24 -11.37 -3.42
CA THR A 61 -3.10 -10.73 -4.07
C THR A 61 -3.54 -10.07 -5.37
N SER A 62 -4.37 -9.04 -5.25
CA SER A 62 -4.86 -8.32 -6.43
C SER A 62 -4.83 -6.84 -6.19
N CYS A 63 -4.72 -6.07 -7.28
CA CYS A 63 -4.68 -4.63 -7.17
C CYS A 63 -6.10 -4.04 -6.99
N PRO A 64 -6.39 -3.45 -5.85
CA PRO A 64 -7.74 -2.85 -5.59
C PRO A 64 -8.19 -1.90 -6.70
N THR A 65 -7.24 -1.40 -7.47
CA THR A 65 -7.52 -0.47 -8.57
C THR A 65 -7.30 -1.13 -9.92
N CYS A 66 -6.06 -1.45 -10.21
CA CYS A 66 -5.72 -2.07 -11.48
C CYS A 66 -6.38 -3.43 -11.62
N ARG A 67 -6.79 -4.01 -10.49
CA ARG A 67 -7.44 -5.32 -10.50
C ARG A 67 -6.52 -6.38 -11.08
N MET A 68 -5.23 -6.08 -11.12
CA MET A 68 -4.24 -7.01 -11.66
C MET A 68 -3.43 -7.65 -10.54
N SER A 69 -3.17 -8.95 -10.67
CA SER A 69 -2.40 -9.67 -9.67
C SER A 69 -0.99 -9.11 -9.60
N LEU A 70 -0.35 -9.26 -8.44
CA LEU A 70 1.02 -8.75 -8.24
C LEU A 70 1.95 -9.88 -7.84
N ASN A 71 3.13 -9.90 -8.46
CA ASN A 71 4.11 -10.93 -8.17
C ASN A 71 3.51 -12.32 -8.33
N ILE A 72 2.80 -12.52 -9.43
CA ILE A 72 2.18 -13.82 -9.70
C ILE A 72 3.12 -14.96 -9.34
N ALA A 15 6.98 -4.80 3.78
CA ALA A 15 8.39 -4.45 3.45
C ALA A 15 8.45 -3.00 3.01
N VAL A 16 8.85 -2.12 3.94
CA VAL A 16 8.96 -0.69 3.65
C VAL A 16 10.42 -0.30 3.52
N ALA A 17 10.76 0.39 2.43
CA ALA A 17 12.13 0.82 2.20
C ALA A 17 12.16 2.24 1.65
N THR A 18 11.26 2.52 0.70
CA THR A 18 11.18 3.84 0.08
C THR A 18 11.53 4.93 1.10
N PRO A 19 12.10 6.03 0.64
CA PRO A 19 12.50 7.15 1.54
C PRO A 19 11.30 7.85 2.17
N GLU A 20 11.47 8.32 3.40
CA GLU A 20 10.41 9.01 4.10
C GLU A 20 9.76 10.04 3.16
N GLU A 21 10.52 10.45 2.15
CA GLU A 21 10.01 11.42 1.18
C GLU A 21 8.65 10.99 0.66
N LEU A 22 8.59 9.81 0.08
CA LEU A 22 7.33 9.30 -0.44
C LEU A 22 6.33 9.05 0.69
N ALA A 23 6.80 8.44 1.76
CA ALA A 23 5.94 8.15 2.90
C ALA A 23 5.28 9.42 3.42
N VAL A 24 6.09 10.45 3.62
CA VAL A 24 5.59 11.72 4.11
C VAL A 24 4.59 12.29 3.13
N ASN A 25 4.92 12.24 1.85
CA ASN A 25 4.02 12.76 0.83
C ASN A 25 2.71 11.99 0.87
N ASN A 26 2.79 10.68 1.10
CA ASN A 26 1.59 9.85 1.18
C ASN A 26 1.04 9.86 2.60
N ASP A 27 1.29 8.79 3.35
CA ASP A 27 0.84 8.69 4.73
C ASP A 27 -0.69 8.51 4.79
N ASP A 28 -1.30 8.28 3.63
CA ASP A 28 -2.75 8.11 3.55
C ASP A 28 -3.09 6.88 2.73
N CYS A 29 -4.05 6.11 3.23
CA CYS A 29 -4.48 4.89 2.53
C CYS A 29 -5.81 5.12 1.83
N ALA A 30 -5.82 4.94 0.52
CA ALA A 30 -7.04 5.12 -0.24
C ALA A 30 -8.07 4.04 0.11
N ILE A 31 -7.61 3.00 0.80
CA ILE A 31 -8.49 1.90 1.19
C ILE A 31 -9.09 2.12 2.58
N CYS A 32 -8.22 2.15 3.59
CA CYS A 32 -8.68 2.34 4.97
C CYS A 32 -8.71 3.83 5.33
N TRP A 33 -8.51 4.68 4.33
CA TRP A 33 -8.53 6.12 4.57
C TRP A 33 -7.56 6.47 5.69
N ASP A 34 -7.97 7.40 6.55
CA ASP A 34 -7.13 7.82 7.66
C ASP A 34 -5.67 7.96 7.22
N SER A 35 -4.77 7.98 8.19
CA SER A 35 -3.34 8.11 7.90
C SER A 35 -2.51 7.56 9.06
N MET A 36 -1.26 7.22 8.77
CA MET A 36 -0.36 6.69 9.79
C MET A 36 1.08 6.98 9.41
N GLN A 37 1.97 6.01 9.67
CA GLN A 37 3.38 6.16 9.36
C GLN A 37 3.82 5.11 8.34
N ALA A 38 3.40 3.86 8.56
CA ALA A 38 3.77 2.78 7.65
C ALA A 38 3.35 3.12 6.22
N ALA A 39 4.28 2.95 5.29
CA ALA A 39 3.99 3.24 3.88
C ALA A 39 4.69 2.22 2.98
N ARG A 40 3.97 1.77 1.96
CA ARG A 40 4.53 0.79 1.03
C ARG A 40 3.98 1.03 -0.37
N LYS A 41 4.79 0.74 -1.39
CA LYS A 41 4.37 0.95 -2.78
C LYS A 41 4.27 -0.37 -3.51
N LEU A 42 3.09 -0.64 -4.08
CA LEU A 42 2.88 -1.88 -4.81
C LEU A 42 3.77 -1.91 -6.07
N PRO A 43 4.05 -3.09 -6.58
CA PRO A 43 4.88 -3.25 -7.81
C PRO A 43 4.20 -2.61 -9.03
N CYS A 44 2.89 -2.37 -8.92
CA CYS A 44 2.13 -1.77 -10.02
C CYS A 44 2.29 -0.25 -10.03
N GLY A 45 2.03 0.37 -8.89
CA GLY A 45 2.14 1.82 -8.76
C GLY A 45 1.08 2.39 -7.83
N HIS A 46 1.03 1.87 -6.60
CA HIS A 46 0.05 2.34 -5.61
C HIS A 46 0.73 2.40 -4.24
N LEU A 47 0.35 3.40 -3.44
CA LEU A 47 0.95 3.57 -2.10
C LEU A 47 0.00 3.07 -1.01
N PHE A 48 0.38 1.97 -0.36
CA PHE A 48 -0.43 1.36 0.71
C PHE A 48 0.41 1.13 1.94
N HIS A 49 -0.24 1.27 3.09
CA HIS A 49 0.43 1.10 4.35
C HIS A 49 0.84 -0.34 4.53
N ASN A 50 1.85 -0.57 5.35
CA ASN A 50 2.34 -1.93 5.57
C ASN A 50 1.24 -2.82 6.18
N SER A 51 0.55 -2.29 7.18
CA SER A 51 -0.52 -3.04 7.83
C SER A 51 -1.69 -3.26 6.88
N CYS A 52 -2.04 -2.20 6.15
CA CYS A 52 -3.15 -2.27 5.21
C CYS A 52 -2.82 -3.17 4.03
N LEU A 53 -1.62 -2.99 3.48
CA LEU A 53 -1.21 -3.79 2.34
C LEU A 53 -1.11 -5.27 2.72
N ARG A 54 -0.41 -5.56 3.80
CA ARG A 54 -0.25 -6.93 4.22
C ARG A 54 -1.60 -7.58 4.42
N SER A 55 -2.48 -6.89 5.13
CA SER A 55 -3.82 -7.39 5.39
C SER A 55 -4.49 -7.77 4.07
N TRP A 56 -4.32 -6.91 3.07
CA TRP A 56 -4.90 -7.16 1.76
C TRP A 56 -4.25 -8.37 1.10
N LEU A 57 -2.93 -8.48 1.24
CA LEU A 57 -2.20 -9.60 0.64
C LEU A 57 -2.64 -10.92 1.26
N GLU A 58 -2.82 -10.91 2.59
CA GLU A 58 -3.24 -12.10 3.29
C GLU A 58 -4.64 -12.52 2.87
N GLN A 59 -5.53 -11.54 2.74
CA GLN A 59 -6.91 -11.82 2.34
C GLN A 59 -7.02 -12.01 0.84
N ASP A 60 -6.58 -11.00 0.09
CA ASP A 60 -6.64 -11.05 -1.37
C ASP A 60 -5.25 -11.24 -1.95
N THR A 61 -4.86 -10.35 -2.86
CA THR A 61 -3.54 -10.39 -3.51
C THR A 61 -3.56 -9.66 -4.84
N SER A 62 -4.74 -9.22 -5.25
CA SER A 62 -4.88 -8.51 -6.51
C SER A 62 -4.70 -7.02 -6.30
N CYS A 63 -4.77 -6.25 -7.38
CA CYS A 63 -4.62 -4.81 -7.30
C CYS A 63 -5.98 -4.13 -7.06
N PRO A 64 -6.21 -3.54 -5.91
CA PRO A 64 -7.51 -2.86 -5.60
C PRO A 64 -7.92 -1.84 -6.66
N THR A 65 -6.93 -1.28 -7.35
CA THR A 65 -7.20 -0.28 -8.38
C THR A 65 -7.02 -0.87 -9.77
N CYS A 66 -5.82 -1.34 -10.06
CA CYS A 66 -5.53 -1.90 -11.37
C CYS A 66 -6.34 -3.17 -11.61
N ARG A 67 -6.76 -3.82 -10.52
CA ARG A 67 -7.53 -5.06 -10.61
C ARG A 67 -6.73 -6.15 -11.28
N MET A 68 -5.41 -5.98 -11.32
CA MET A 68 -4.52 -6.97 -11.94
C MET A 68 -3.77 -7.75 -10.87
N SER A 69 -3.68 -9.06 -11.07
CA SER A 69 -2.99 -9.93 -10.14
C SER A 69 -1.50 -9.57 -10.08
N LEU A 70 -1.12 -8.87 -9.02
CA LEU A 70 0.26 -8.45 -8.87
C LEU A 70 1.17 -9.65 -8.65
N ASN A 71 0.56 -10.82 -8.50
CA ASN A 71 1.32 -12.06 -8.30
C ASN A 71 1.53 -12.77 -9.63
N ILE A 72 2.76 -13.23 -9.85
CA ILE A 72 3.10 -13.93 -11.08
C ILE A 72 2.68 -13.10 -12.30
N ALA A 15 8.87 -4.23 5.35
CA ALA A 15 9.11 -4.35 3.89
C ALA A 15 8.95 -2.97 3.24
N VAL A 16 9.28 -1.93 3.99
CA VAL A 16 9.16 -0.56 3.48
C VAL A 16 10.54 0.00 3.15
N ALA A 17 10.79 0.21 1.86
CA ALA A 17 12.06 0.74 1.39
C ALA A 17 11.92 2.21 1.05
N THR A 18 10.70 2.72 1.16
CA THR A 18 10.45 4.13 0.85
C THR A 18 10.74 5.03 2.05
N PRO A 19 11.27 6.21 1.85
CA PRO A 19 11.58 7.17 2.96
C PRO A 19 10.32 7.80 3.54
N GLU A 20 10.41 8.24 4.79
CA GLU A 20 9.28 8.88 5.45
C GLU A 20 8.83 10.08 4.62
N GLU A 21 9.71 10.57 3.77
CA GLU A 21 9.39 11.71 2.92
C GLU A 21 8.09 11.45 2.15
N LEU A 22 8.06 10.36 1.40
CA LEU A 22 6.88 10.02 0.64
C LEU A 22 5.71 9.69 1.56
N ALA A 23 5.99 8.92 2.60
CA ALA A 23 4.94 8.53 3.53
C ALA A 23 4.37 9.75 4.24
N VAL A 24 5.25 10.59 4.74
CA VAL A 24 4.83 11.80 5.44
C VAL A 24 4.04 12.70 4.49
N ASN A 25 4.53 12.84 3.27
CA ASN A 25 3.85 13.66 2.29
C ASN A 25 2.58 12.97 1.81
N ASN A 26 2.47 11.67 2.09
CA ASN A 26 1.31 10.89 1.70
C ASN A 26 1.07 9.76 2.70
N ASP A 27 0.81 10.13 3.94
CA ASP A 27 0.57 9.15 5.01
C ASP A 27 -0.93 8.87 5.11
N ASP A 28 -1.45 8.06 4.19
CA ASP A 28 -2.87 7.70 4.18
C ASP A 28 -3.25 7.09 2.84
N CYS A 29 -3.55 5.80 2.84
CA CYS A 29 -3.94 5.10 1.63
C CYS A 29 -5.37 5.45 1.24
N ALA A 30 -5.69 5.23 -0.03
CA ALA A 30 -7.03 5.54 -0.53
C ALA A 30 -8.01 4.42 -0.14
N ILE A 31 -7.50 3.38 0.52
CA ILE A 31 -8.34 2.27 0.92
C ILE A 31 -9.11 2.58 2.19
N CYS A 32 -8.43 2.51 3.33
CA CYS A 32 -9.07 2.79 4.62
C CYS A 32 -9.02 4.28 4.93
N TRP A 33 -8.50 5.07 3.99
CA TRP A 33 -8.41 6.51 4.18
C TRP A 33 -7.79 6.83 5.54
N ASP A 34 -7.23 5.81 6.18
CA ASP A 34 -6.61 5.99 7.49
C ASP A 34 -5.26 6.68 7.34
N SER A 35 -4.46 6.64 8.41
CA SER A 35 -3.13 7.27 8.38
C SER A 35 -2.17 6.48 9.27
N MET A 36 -0.99 6.19 8.74
CA MET A 36 0.02 5.44 9.49
C MET A 36 1.42 5.78 8.97
N GLN A 37 2.40 5.75 9.87
CA GLN A 37 3.77 6.05 9.49
C GLN A 37 4.28 5.04 8.48
N ALA A 38 3.78 3.81 8.56
CA ALA A 38 4.20 2.76 7.65
C ALA A 38 3.64 3.00 6.25
N ALA A 39 4.49 2.86 5.24
CA ALA A 39 4.06 3.07 3.85
C ALA A 39 4.74 2.06 2.94
N ARG A 40 3.99 1.55 1.97
CA ARG A 40 4.54 0.58 1.04
C ARG A 40 3.94 0.79 -0.34
N LYS A 41 4.74 0.53 -1.38
CA LYS A 41 4.27 0.71 -2.76
C LYS A 41 4.05 -0.63 -3.43
N LEU A 42 2.84 -0.84 -3.95
CA LEU A 42 2.53 -2.09 -4.62
C LEU A 42 3.42 -2.26 -5.86
N PRO A 43 3.63 -3.48 -6.29
CA PRO A 43 4.47 -3.79 -7.47
C PRO A 43 3.93 -3.12 -8.74
N CYS A 44 2.70 -2.60 -8.66
CA CYS A 44 2.09 -1.94 -9.81
C CYS A 44 2.40 -0.44 -9.81
N GLY A 45 1.79 0.30 -8.89
CA GLY A 45 2.01 1.73 -8.80
C GLY A 45 1.00 2.37 -7.85
N HIS A 46 1.04 1.97 -6.59
CA HIS A 46 0.13 2.52 -5.57
C HIS A 46 0.80 2.49 -4.21
N LEU A 47 0.52 3.50 -3.38
CA LEU A 47 1.12 3.59 -2.04
C LEU A 47 0.16 3.14 -0.96
N PHE A 48 0.45 1.99 -0.34
CA PHE A 48 -0.40 1.41 0.71
C PHE A 48 0.42 1.14 1.96
N HIS A 49 -0.26 1.30 3.08
CA HIS A 49 0.36 1.11 4.37
C HIS A 49 0.80 -0.32 4.52
N ASN A 50 1.80 -0.54 5.35
CA ASN A 50 2.30 -1.88 5.56
C ASN A 50 1.18 -2.78 6.10
N SER A 51 0.39 -2.24 7.03
CA SER A 51 -0.70 -3.00 7.61
C SER A 51 -1.82 -3.21 6.59
N CYS A 52 -2.17 -2.15 5.87
CA CYS A 52 -3.22 -2.22 4.86
C CYS A 52 -2.81 -3.12 3.72
N LEU A 53 -1.61 -2.88 3.18
CA LEU A 53 -1.14 -3.67 2.06
C LEU A 53 -0.96 -5.14 2.45
N ARG A 54 -0.32 -5.35 3.60
CA ARG A 54 -0.10 -6.71 4.07
C ARG A 54 -1.42 -7.43 4.26
N SER A 55 -2.36 -6.76 4.89
CA SER A 55 -3.67 -7.35 5.12
C SER A 55 -4.30 -7.77 3.80
N TRP A 56 -4.14 -6.92 2.79
CA TRP A 56 -4.69 -7.22 1.48
C TRP A 56 -4.06 -8.48 0.90
N LEU A 57 -2.72 -8.54 0.96
CA LEU A 57 -2.00 -9.70 0.42
C LEU A 57 -2.33 -10.95 1.22
N GLU A 58 -2.46 -10.79 2.53
CA GLU A 58 -2.77 -11.90 3.40
C GLU A 58 -4.18 -12.43 3.13
N GLN A 59 -5.14 -11.52 3.03
CA GLN A 59 -6.53 -11.89 2.78
C GLN A 59 -6.77 -12.09 1.29
N ASP A 60 -6.54 -11.03 0.52
CA ASP A 60 -6.73 -11.09 -0.93
C ASP A 60 -5.39 -11.27 -1.64
N THR A 61 -5.13 -10.42 -2.64
CA THR A 61 -3.88 -10.48 -3.39
C THR A 61 -4.01 -9.71 -4.71
N SER A 62 -5.21 -9.21 -4.98
CA SER A 62 -5.46 -8.47 -6.21
C SER A 62 -5.23 -6.99 -5.98
N CYS A 63 -5.05 -6.26 -7.07
CA CYS A 63 -4.82 -4.81 -6.97
C CYS A 63 -6.15 -4.05 -6.92
N PRO A 64 -6.50 -3.39 -5.82
CA PRO A 64 -7.79 -2.64 -5.72
C PRO A 64 -8.02 -1.68 -6.89
N THR A 65 -6.93 -1.20 -7.48
CA THR A 65 -7.03 -0.27 -8.61
C THR A 65 -6.84 -0.99 -9.94
N CYS A 66 -5.63 -1.48 -10.16
CA CYS A 66 -5.33 -2.18 -11.41
C CYS A 66 -6.23 -3.41 -11.55
N ARG A 67 -6.72 -3.92 -10.44
CA ARG A 67 -7.59 -5.10 -10.46
C ARG A 67 -6.83 -6.30 -11.02
N MET A 68 -5.50 -6.20 -11.00
CA MET A 68 -4.65 -7.29 -11.50
C MET A 68 -3.98 -8.04 -10.36
N SER A 69 -3.89 -9.36 -10.50
CA SER A 69 -3.24 -10.19 -9.51
C SER A 69 -1.73 -9.96 -9.52
N LEU A 70 -1.24 -9.24 -8.54
CA LEU A 70 0.18 -8.95 -8.47
C LEU A 70 0.98 -10.23 -8.28
N ASN A 71 2.08 -10.36 -9.03
CA ASN A 71 2.91 -11.54 -8.95
C ASN A 71 3.92 -11.42 -7.81
N ILE A 72 4.08 -12.49 -7.05
CA ILE A 72 5.01 -12.50 -5.93
C ILE A 72 4.67 -11.38 -4.94
N ALA A 15 7.75 -4.22 5.21
CA ALA A 15 8.94 -3.98 4.36
C ALA A 15 8.79 -2.64 3.65
N VAL A 16 9.14 -1.56 4.34
CA VAL A 16 9.04 -0.22 3.76
C VAL A 16 10.42 0.30 3.39
N ALA A 17 10.70 0.32 2.09
CA ALA A 17 12.00 0.80 1.60
C ALA A 17 11.91 2.28 1.28
N THR A 18 10.70 2.81 1.24
CA THR A 18 10.50 4.23 0.94
C THR A 18 10.65 5.08 2.20
N PRO A 19 11.23 6.25 2.08
CA PRO A 19 11.41 7.18 3.24
C PRO A 19 10.10 7.84 3.66
N GLU A 20 10.07 8.33 4.90
CA GLU A 20 8.89 9.01 5.41
C GLU A 20 8.56 10.21 4.52
N GLU A 21 9.57 10.69 3.79
CA GLU A 21 9.36 11.84 2.91
C GLU A 21 8.19 11.59 1.97
N LEU A 22 8.19 10.44 1.31
CA LEU A 22 7.11 10.09 0.40
C LEU A 22 5.79 9.88 1.15
N ALA A 23 5.88 9.16 2.26
CA ALA A 23 4.69 8.87 3.06
C ALA A 23 4.08 10.16 3.59
N VAL A 24 4.92 11.01 4.15
CA VAL A 24 4.45 12.29 4.71
C VAL A 24 3.80 13.12 3.62
N ASN A 25 4.44 13.18 2.46
CA ASN A 25 3.90 13.96 1.34
C ASN A 25 2.58 13.35 0.87
N ASN A 26 2.49 12.03 0.92
CA ASN A 26 1.26 11.34 0.49
C ASN A 26 0.71 10.49 1.63
N ASP A 27 0.34 11.14 2.72
CA ASP A 27 -0.20 10.44 3.88
C ASP A 27 -1.71 10.26 3.74
N ASP A 28 -2.11 9.20 3.03
CA ASP A 28 -3.53 8.93 2.83
C ASP A 28 -3.72 7.49 2.36
N CYS A 29 -4.58 6.75 3.07
CA CYS A 29 -4.87 5.36 2.73
C CYS A 29 -6.25 5.22 2.10
N ALA A 30 -6.31 4.51 0.98
CA ALA A 30 -7.59 4.30 0.30
C ALA A 30 -8.36 3.18 0.98
N ILE A 31 -7.67 2.41 1.81
CA ILE A 31 -8.31 1.29 2.51
C ILE A 31 -8.85 1.75 3.86
N CYS A 32 -7.98 2.36 4.66
CA CYS A 32 -8.40 2.80 5.99
C CYS A 32 -9.22 4.07 5.90
N TRP A 33 -8.90 4.92 4.92
CA TRP A 33 -9.63 6.17 4.73
C TRP A 33 -9.11 7.23 5.71
N ASP A 34 -7.86 7.07 6.14
CA ASP A 34 -7.27 8.02 7.08
C ASP A 34 -5.78 8.22 6.77
N SER A 35 -4.95 8.19 7.80
CA SER A 35 -3.51 8.36 7.62
C SER A 35 -2.76 7.78 8.81
N MET A 36 -1.47 7.56 8.62
CA MET A 36 -0.63 7.01 9.68
C MET A 36 0.85 7.28 9.41
N GLN A 37 1.66 6.22 9.37
CA GLN A 37 3.09 6.36 9.12
C GLN A 37 3.56 5.28 8.16
N ALA A 38 3.18 4.04 8.41
CA ALA A 38 3.58 2.93 7.56
C ALA A 38 3.18 3.20 6.11
N ALA A 39 4.15 3.08 5.21
CA ALA A 39 3.88 3.31 3.78
C ALA A 39 4.61 2.29 2.93
N ARG A 40 3.93 1.76 1.93
CA ARG A 40 4.52 0.77 1.04
C ARG A 40 3.99 0.97 -0.37
N LYS A 41 4.83 0.70 -1.37
CA LYS A 41 4.44 0.85 -2.77
C LYS A 41 4.23 -0.49 -3.44
N LEU A 42 3.02 -0.69 -3.98
CA LEU A 42 2.73 -1.94 -4.66
C LEU A 42 3.62 -2.10 -5.89
N PRO A 43 3.79 -3.31 -6.35
CA PRO A 43 4.60 -3.60 -7.57
C PRO A 43 3.95 -3.00 -8.82
N CYS A 44 2.67 -2.68 -8.73
CA CYS A 44 1.94 -2.12 -9.87
C CYS A 44 2.17 -0.61 -9.95
N GLY A 45 2.01 0.08 -8.83
CA GLY A 45 2.21 1.53 -8.78
C GLY A 45 1.18 2.19 -7.87
N HIS A 46 1.17 1.78 -6.61
CA HIS A 46 0.23 2.34 -5.64
C HIS A 46 0.86 2.37 -4.26
N LEU A 47 0.54 3.40 -3.47
CA LEU A 47 1.11 3.54 -2.13
C LEU A 47 0.14 3.10 -1.05
N PHE A 48 0.46 1.96 -0.41
CA PHE A 48 -0.37 1.40 0.66
C PHE A 48 0.45 1.17 1.90
N HIS A 49 -0.23 1.23 3.04
CA HIS A 49 0.44 1.05 4.31
C HIS A 49 0.82 -0.41 4.48
N ASN A 50 1.84 -0.67 5.29
CA ASN A 50 2.29 -2.04 5.51
C ASN A 50 1.19 -2.90 6.10
N SER A 51 0.54 -2.40 7.14
CA SER A 51 -0.54 -3.15 7.79
C SER A 51 -1.71 -3.34 6.82
N CYS A 52 -2.02 -2.30 6.06
CA CYS A 52 -3.13 -2.37 5.11
C CYS A 52 -2.78 -3.24 3.92
N LEU A 53 -1.59 -3.03 3.39
CA LEU A 53 -1.15 -3.80 2.24
C LEU A 53 -1.02 -5.29 2.60
N ARG A 54 -0.35 -5.56 3.71
CA ARG A 54 -0.15 -6.93 4.15
C ARG A 54 -1.50 -7.60 4.38
N SER A 55 -2.40 -6.90 5.04
CA SER A 55 -3.72 -7.44 5.32
C SER A 55 -4.44 -7.78 4.01
N TRP A 56 -4.25 -6.92 3.01
CA TRP A 56 -4.88 -7.13 1.71
C TRP A 56 -4.30 -8.38 1.03
N LEU A 57 -2.98 -8.48 1.05
CA LEU A 57 -2.31 -9.63 0.44
C LEU A 57 -2.60 -10.90 1.20
N GLU A 58 -2.71 -10.77 2.52
CA GLU A 58 -2.99 -11.92 3.37
C GLU A 58 -4.38 -12.48 3.05
N GLN A 59 -5.34 -11.60 2.83
CA GLN A 59 -6.70 -12.01 2.51
C GLN A 59 -6.89 -12.12 1.01
N ASP A 60 -6.63 -11.03 0.29
CA ASP A 60 -6.78 -10.99 -1.16
C ASP A 60 -5.44 -11.22 -1.82
N THR A 61 -5.10 -10.35 -2.79
CA THR A 61 -3.83 -10.45 -3.50
C THR A 61 -3.88 -9.66 -4.80
N SER A 62 -5.06 -9.18 -5.15
CA SER A 62 -5.23 -8.40 -6.37
C SER A 62 -5.05 -6.93 -6.09
N CYS A 63 -4.91 -6.13 -7.17
CA CYS A 63 -4.73 -4.70 -7.02
C CYS A 63 -6.09 -4.00 -6.89
N PRO A 64 -6.40 -3.42 -5.76
CA PRO A 64 -7.70 -2.72 -5.54
C PRO A 64 -8.03 -1.71 -6.64
N THR A 65 -6.99 -1.12 -7.21
CA THR A 65 -7.17 -0.14 -8.28
C THR A 65 -6.98 -0.76 -9.65
N CYS A 66 -5.75 -1.17 -9.94
CA CYS A 66 -5.44 -1.75 -11.23
C CYS A 66 -6.27 -3.01 -11.47
N ARG A 67 -6.76 -3.61 -10.38
CA ARG A 67 -7.56 -4.82 -10.48
C ARG A 67 -6.77 -5.94 -11.13
N MET A 68 -5.45 -5.81 -11.11
CA MET A 68 -4.56 -6.82 -11.70
C MET A 68 -3.88 -7.64 -10.62
N SER A 69 -3.75 -8.95 -10.87
CA SER A 69 -3.11 -9.83 -9.92
C SER A 69 -1.60 -9.64 -9.95
N LEU A 70 -1.07 -9.00 -8.91
CA LEU A 70 0.37 -8.76 -8.83
C LEU A 70 1.12 -10.07 -8.61
N ASN A 71 2.26 -10.20 -9.27
CA ASN A 71 3.08 -11.41 -9.15
C ASN A 71 3.90 -11.37 -7.87
N ILE A 72 3.44 -12.11 -6.85
CA ILE A 72 4.14 -12.16 -5.58
C ILE A 72 4.46 -10.75 -5.08
N ALA A 15 7.26 -4.48 5.23
CA ALA A 15 8.52 -4.41 4.44
C ALA A 15 8.51 -3.13 3.60
N VAL A 16 8.89 -2.02 4.24
CA VAL A 16 8.94 -0.74 3.54
C VAL A 16 10.37 -0.37 3.20
N ALA A 17 10.65 -0.23 1.91
CA ALA A 17 11.99 0.12 1.44
C ALA A 17 12.10 1.61 1.18
N THR A 18 10.96 2.28 1.07
CA THR A 18 10.95 3.72 0.81
C THR A 18 11.06 4.49 2.12
N PRO A 19 11.65 5.67 2.10
CA PRO A 19 11.81 6.52 3.33
C PRO A 19 10.50 7.11 3.81
N GLU A 20 10.46 7.50 5.08
CA GLU A 20 9.26 8.09 5.66
C GLU A 20 8.91 9.36 4.90
N GLU A 21 9.89 9.90 4.18
CA GLU A 21 9.67 11.11 3.40
C GLU A 21 8.48 10.95 2.47
N LEU A 22 8.41 9.80 1.82
CA LEU A 22 7.31 9.52 0.91
C LEU A 22 5.99 9.49 1.66
N ALA A 23 5.99 8.85 2.83
CA ALA A 23 4.77 8.75 3.62
C ALA A 23 4.23 10.13 3.97
N VAL A 24 5.12 11.00 4.43
CA VAL A 24 4.73 12.36 4.79
C VAL A 24 4.20 13.11 3.57
N ASN A 25 4.92 12.97 2.45
CA ASN A 25 4.52 13.64 1.22
C ASN A 25 3.28 12.98 0.62
N ASN A 26 2.96 11.79 1.12
CA ASN A 26 1.80 11.03 0.63
C ASN A 26 1.04 10.40 1.79
N ASP A 27 0.59 11.25 2.73
CA ASP A 27 -0.15 10.76 3.89
C ASP A 27 -1.63 10.63 3.54
N ASP A 28 -2.00 9.47 2.99
CA ASP A 28 -3.38 9.21 2.61
C ASP A 28 -3.54 7.78 2.12
N CYS A 29 -4.50 7.06 2.71
CA CYS A 29 -4.75 5.66 2.34
C CYS A 29 -6.00 5.55 1.49
N ALA A 30 -5.94 4.75 0.43
CA ALA A 30 -7.09 4.58 -0.45
C ALA A 30 -7.89 3.35 0.00
N ILE A 31 -7.26 2.50 0.81
CA ILE A 31 -7.91 1.29 1.30
C ILE A 31 -8.59 1.52 2.65
N CYS A 32 -7.79 1.70 3.69
CA CYS A 32 -8.31 1.92 5.04
C CYS A 32 -8.65 3.38 5.28
N TRP A 33 -8.21 4.25 4.38
CA TRP A 33 -8.47 5.68 4.52
C TRP A 33 -8.22 6.13 5.96
N ASP A 34 -6.94 6.24 6.32
CA ASP A 34 -6.56 6.66 7.67
C ASP A 34 -5.37 7.63 7.61
N SER A 35 -4.39 7.32 6.77
CA SER A 35 -3.21 8.16 6.64
C SER A 35 -2.30 8.00 7.87
N MET A 36 -1.34 7.08 7.76
CA MET A 36 -0.41 6.82 8.87
C MET A 36 1.03 6.94 8.37
N GLN A 37 1.97 6.46 9.19
CA GLN A 37 3.38 6.53 8.82
C GLN A 37 3.73 5.43 7.83
N ALA A 38 3.44 4.18 8.20
CA ALA A 38 3.75 3.05 7.32
C ALA A 38 3.22 3.31 5.91
N ALA A 39 4.11 3.19 4.93
CA ALA A 39 3.73 3.42 3.53
C ALA A 39 4.58 2.55 2.61
N ARG A 40 3.92 1.62 1.93
CA ARG A 40 4.60 0.71 1.01
C ARG A 40 4.07 0.93 -0.40
N LYS A 41 4.92 0.65 -1.39
CA LYS A 41 4.53 0.83 -2.79
C LYS A 41 4.33 -0.51 -3.48
N LEU A 42 3.23 -0.63 -4.21
CA LEU A 42 2.92 -1.88 -4.92
C LEU A 42 3.61 -1.91 -6.28
N PRO A 43 3.87 -3.10 -6.79
CA PRO A 43 4.53 -3.27 -8.12
C PRO A 43 3.67 -2.72 -9.26
N CYS A 44 2.37 -2.53 -8.98
CA CYS A 44 1.46 -2.00 -9.98
C CYS A 44 1.59 -0.49 -10.10
N GLY A 45 1.65 0.21 -8.95
CA GLY A 45 1.77 1.67 -8.93
C GLY A 45 0.80 2.27 -7.91
N HIS A 46 0.84 1.74 -6.69
CA HIS A 46 -0.03 2.23 -5.61
C HIS A 46 0.75 2.27 -4.30
N LEU A 47 0.38 3.22 -3.42
CA LEU A 47 1.05 3.35 -2.12
C LEU A 47 0.11 2.96 -0.99
N PHE A 48 0.41 1.84 -0.33
CA PHE A 48 -0.41 1.31 0.78
C PHE A 48 0.44 1.11 2.02
N HIS A 49 -0.20 1.27 3.17
CA HIS A 49 0.48 1.11 4.44
C HIS A 49 0.89 -0.34 4.65
N ASN A 50 1.81 -0.56 5.56
CA ASN A 50 2.29 -1.90 5.84
C ASN A 50 1.15 -2.78 6.33
N SER A 51 0.32 -2.25 7.23
CA SER A 51 -0.80 -3.00 7.76
C SER A 51 -1.90 -3.14 6.72
N CYS A 52 -2.10 -2.08 5.94
CA CYS A 52 -3.13 -2.10 4.91
C CYS A 52 -2.75 -3.03 3.76
N LEU A 53 -1.53 -2.89 3.28
CA LEU A 53 -1.07 -3.73 2.18
C LEU A 53 -0.98 -5.19 2.61
N ARG A 54 -0.28 -5.44 3.70
CA ARG A 54 -0.11 -6.79 4.20
C ARG A 54 -1.48 -7.44 4.39
N SER A 55 -2.39 -6.71 5.00
CA SER A 55 -3.73 -7.22 5.21
C SER A 55 -4.37 -7.60 3.88
N TRP A 56 -4.07 -6.81 2.85
CA TRP A 56 -4.63 -7.06 1.53
C TRP A 56 -4.09 -8.38 0.97
N LEU A 57 -2.78 -8.56 1.05
CA LEU A 57 -2.13 -9.76 0.54
C LEU A 57 -2.64 -11.00 1.29
N GLU A 58 -2.95 -10.81 2.57
CA GLU A 58 -3.44 -11.90 3.38
C GLU A 58 -4.86 -12.29 2.93
N GLN A 59 -5.65 -11.30 2.52
CA GLN A 59 -7.02 -11.55 2.08
C GLN A 59 -7.06 -11.83 0.58
N ASP A 60 -6.57 -10.88 -0.22
CA ASP A 60 -6.57 -11.02 -1.67
C ASP A 60 -5.30 -10.41 -2.26
N THR A 61 -4.68 -11.14 -3.19
CA THR A 61 -3.47 -10.67 -3.86
C THR A 61 -3.81 -10.06 -5.21
N SER A 62 -4.43 -8.89 -5.18
CA SER A 62 -4.80 -8.20 -6.43
C SER A 62 -4.81 -6.70 -6.21
N CYS A 63 -4.70 -5.94 -7.30
CA CYS A 63 -4.70 -4.49 -7.21
C CYS A 63 -6.12 -3.96 -6.93
N PRO A 64 -6.35 -3.32 -5.79
CA PRO A 64 -7.71 -2.77 -5.46
C PRO A 64 -8.28 -1.86 -6.56
N THR A 65 -7.38 -1.25 -7.33
CA THR A 65 -7.79 -0.34 -8.40
C THR A 65 -7.61 -0.97 -9.77
N CYS A 66 -6.37 -1.32 -10.10
CA CYS A 66 -6.08 -1.91 -11.39
C CYS A 66 -6.70 -3.31 -11.51
N ARG A 67 -7.02 -3.91 -10.36
CA ARG A 67 -7.60 -5.25 -10.35
C ARG A 67 -6.67 -6.26 -11.02
N MET A 68 -5.39 -5.92 -11.10
CA MET A 68 -4.40 -6.79 -11.71
C MET A 68 -3.54 -7.46 -10.64
N SER A 69 -3.28 -8.75 -10.82
CA SER A 69 -2.46 -9.49 -9.86
C SER A 69 -1.04 -8.93 -9.83
N LEU A 70 -0.41 -8.98 -8.67
CA LEU A 70 0.95 -8.48 -8.51
C LEU A 70 1.95 -9.57 -8.86
N ASN A 71 2.90 -9.22 -9.72
CA ASN A 71 3.93 -10.17 -10.13
C ASN A 71 4.93 -10.38 -9.00
N ILE A 72 5.48 -11.59 -8.93
CA ILE A 72 6.46 -11.91 -7.89
C ILE A 72 5.88 -11.66 -6.50
N ALA A 15 7.21 -4.20 5.60
CA ALA A 15 8.56 -3.90 5.06
C ALA A 15 8.50 -2.63 4.20
N VAL A 16 8.94 -1.51 4.78
CA VAL A 16 8.92 -0.23 4.07
C VAL A 16 10.33 0.14 3.64
N ALA A 17 10.56 0.17 2.32
CA ALA A 17 11.87 0.52 1.78
C ALA A 17 11.92 1.99 1.42
N THR A 18 10.74 2.61 1.30
CA THR A 18 10.67 4.02 0.96
C THR A 18 10.85 4.90 2.21
N PRO A 19 11.41 6.07 2.06
CA PRO A 19 11.63 7.02 3.19
C PRO A 19 10.31 7.49 3.80
N GLU A 20 10.35 7.87 5.08
CA GLU A 20 9.17 8.35 5.78
C GLU A 20 8.67 9.64 5.15
N GLU A 21 9.54 10.31 4.39
CA GLU A 21 9.17 11.56 3.75
C GLU A 21 7.93 11.37 2.89
N LEU A 22 7.85 10.24 2.21
CA LEU A 22 6.73 9.94 1.33
C LEU A 22 5.45 9.75 2.14
N ALA A 23 5.56 8.99 3.21
CA ALA A 23 4.41 8.71 4.04
C ALA A 23 3.84 10.00 4.61
N VAL A 24 4.71 10.82 5.19
CA VAL A 24 4.28 12.09 5.77
C VAL A 24 3.65 12.97 4.71
N ASN A 25 4.29 13.05 3.56
CA ASN A 25 3.78 13.86 2.46
C ASN A 25 2.42 13.34 2.01
N ASN A 26 2.26 12.02 2.01
CA ASN A 26 1.00 11.40 1.58
C ASN A 26 0.35 10.68 2.75
N ASP A 27 -0.02 11.43 3.78
CA ASP A 27 -0.66 10.87 4.96
C ASP A 27 -2.14 10.61 4.69
N ASP A 28 -2.41 9.64 3.82
CA ASP A 28 -3.78 9.28 3.48
C ASP A 28 -3.83 7.90 2.87
N CYS A 29 -4.74 7.06 3.36
CA CYS A 29 -4.90 5.70 2.85
C CYS A 29 -6.14 5.58 1.98
N ALA A 30 -6.04 4.78 0.91
CA ALA A 30 -7.17 4.58 0.01
C ALA A 30 -7.96 3.34 0.42
N ILE A 31 -7.29 2.43 1.14
CA ILE A 31 -7.93 1.20 1.59
C ILE A 31 -8.54 1.36 2.98
N CYS A 32 -7.68 1.49 3.99
CA CYS A 32 -8.15 1.63 5.36
C CYS A 32 -8.73 3.03 5.58
N TRP A 33 -8.65 3.87 4.56
CA TRP A 33 -9.16 5.23 4.66
C TRP A 33 -8.75 5.87 5.98
N ASP A 34 -7.44 6.06 6.16
CA ASP A 34 -6.92 6.66 7.38
C ASP A 34 -5.52 7.23 7.15
N SER A 35 -4.76 7.37 8.24
CA SER A 35 -3.41 7.90 8.14
C SER A 35 -2.54 7.35 9.26
N MET A 36 -1.23 7.36 9.06
CA MET A 36 -0.30 6.87 10.07
C MET A 36 1.12 7.30 9.74
N GLN A 37 2.06 6.35 9.77
CA GLN A 37 3.45 6.64 9.48
C GLN A 37 4.06 5.54 8.62
N ALA A 38 3.27 4.50 8.34
CA ALA A 38 3.73 3.40 7.51
C ALA A 38 3.30 3.58 6.06
N ALA A 39 4.20 3.28 5.13
CA ALA A 39 3.90 3.43 3.70
C ALA A 39 4.56 2.31 2.91
N ARG A 40 3.84 1.76 1.94
CA ARG A 40 4.36 0.70 1.12
C ARG A 40 3.89 0.86 -0.32
N LYS A 41 4.72 0.46 -1.28
CA LYS A 41 4.37 0.58 -2.69
C LYS A 41 4.14 -0.78 -3.31
N LEU A 42 3.00 -0.93 -3.98
CA LEU A 42 2.68 -2.19 -4.63
C LEU A 42 3.47 -2.34 -5.94
N PRO A 43 3.59 -3.55 -6.44
CA PRO A 43 4.30 -3.82 -7.72
C PRO A 43 3.55 -3.22 -8.93
N CYS A 44 2.27 -2.90 -8.71
CA CYS A 44 1.45 -2.33 -9.79
C CYS A 44 1.70 -0.83 -9.93
N GLY A 45 1.62 -0.11 -8.81
CA GLY A 45 1.84 1.34 -8.83
C GLY A 45 0.87 2.02 -7.86
N HIS A 46 0.84 1.56 -6.62
CA HIS A 46 -0.03 2.14 -5.60
C HIS A 46 0.68 2.20 -4.26
N LEU A 47 0.39 3.23 -3.47
CA LEU A 47 1.03 3.40 -2.16
C LEU A 47 0.10 2.99 -1.03
N PHE A 48 0.42 1.86 -0.38
CA PHE A 48 -0.38 1.33 0.74
C PHE A 48 0.49 1.13 1.96
N HIS A 49 -0.14 1.30 3.11
CA HIS A 49 0.56 1.16 4.37
C HIS A 49 0.99 -0.29 4.57
N ASN A 50 1.93 -0.50 5.48
CA ASN A 50 2.41 -1.84 5.75
C ASN A 50 1.27 -2.75 6.22
N SER A 51 0.46 -2.24 7.14
CA SER A 51 -0.67 -3.02 7.64
C SER A 51 -1.76 -3.14 6.60
N CYS A 52 -2.00 -2.07 5.85
CA CYS A 52 -3.03 -2.06 4.84
C CYS A 52 -2.67 -2.98 3.68
N LEU A 53 -1.44 -2.84 3.18
CA LEU A 53 -1.01 -3.66 2.07
C LEU A 53 -0.92 -5.14 2.47
N ARG A 54 -0.21 -5.40 3.57
CA ARG A 54 -0.04 -6.77 4.04
C ARG A 54 -1.40 -7.42 4.24
N SER A 55 -2.30 -6.70 4.90
CA SER A 55 -3.63 -7.22 5.16
C SER A 55 -4.29 -7.61 3.85
N TRP A 56 -4.13 -6.77 2.83
CA TRP A 56 -4.71 -7.04 1.53
C TRP A 56 -4.12 -8.32 0.93
N LEU A 57 -2.82 -8.48 1.08
CA LEU A 57 -2.13 -9.66 0.54
C LEU A 57 -2.65 -10.92 1.21
N GLU A 58 -2.99 -10.81 2.49
CA GLU A 58 -3.50 -11.94 3.24
C GLU A 58 -4.92 -12.29 2.76
N GLN A 59 -5.70 -11.26 2.43
CA GLN A 59 -7.06 -11.48 1.96
C GLN A 59 -7.08 -11.86 0.48
N ASP A 60 -6.48 -11.02 -0.36
CA ASP A 60 -6.43 -11.28 -1.79
C ASP A 60 -5.21 -10.60 -2.41
N THR A 61 -4.63 -11.26 -3.42
CA THR A 61 -3.45 -10.72 -4.11
C THR A 61 -3.89 -10.07 -5.42
N SER A 62 -4.47 -8.88 -5.31
CA SER A 62 -4.91 -8.15 -6.49
C SER A 62 -4.88 -6.65 -6.24
N CYS A 63 -4.83 -5.88 -7.32
CA CYS A 63 -4.78 -4.43 -7.20
C CYS A 63 -6.20 -3.85 -7.01
N PRO A 64 -6.52 -3.28 -5.87
CA PRO A 64 -7.87 -2.70 -5.60
C PRO A 64 -8.33 -1.74 -6.69
N THR A 65 -7.38 -1.18 -7.44
CA THR A 65 -7.69 -0.23 -8.51
C THR A 65 -7.48 -0.87 -9.88
N CYS A 66 -6.24 -1.20 -10.18
CA CYS A 66 -5.92 -1.80 -11.48
C CYS A 66 -6.60 -3.16 -11.62
N ARG A 67 -6.90 -3.79 -10.49
CA ARG A 67 -7.54 -5.10 -10.50
C ARG A 67 -6.62 -6.14 -11.14
N MET A 68 -5.32 -5.85 -11.15
CA MET A 68 -4.33 -6.77 -11.72
C MET A 68 -3.58 -7.50 -10.63
N SER A 69 -3.44 -8.82 -10.81
CA SER A 69 -2.71 -9.63 -9.85
C SER A 69 -1.23 -9.33 -9.90
N LEU A 70 -0.59 -9.28 -8.74
CA LEU A 70 0.84 -8.99 -8.66
C LEU A 70 1.64 -10.27 -8.89
N ASN A 71 2.22 -10.40 -10.07
CA ASN A 71 3.01 -11.58 -10.40
C ASN A 71 4.24 -11.19 -11.22
N ILE A 72 5.33 -10.89 -10.53
CA ILE A 72 6.57 -10.50 -11.20
C ILE A 72 7.48 -11.70 -11.39
#